data_6VS7
#
_entry.id   6VS7
#
_cell.length_a   82.213
_cell.length_b   269.859
_cell.length_c   47.511
_cell.angle_alpha   90.000
_cell.angle_beta   90.000
_cell.angle_gamma   90.000
#
_symmetry.space_group_name_H-M   'P 21 21 2'
#
loop_
_entity.id
_entity.type
_entity.pdbx_description
1 polymer Adhesin
2 non-polymer 'CALCIUM ION'
3 non-polymer 'SULFATE ION'
4 non-polymer 'MAGNESIUM ION'
5 non-polymer 2-AMINO-2-HYDROXYMETHYL-PROPANE-1,3-DIOL
6 non-polymer 1,2-ETHANEDIOL
7 non-polymer GLYCEROL
8 water water
#
_entity_poly.entity_id   1
_entity_poly.type   'polypeptide(L)'
_entity_poly.pdbx_seq_one_letter_code
;TDTTPPTITLPQEVIAYRGEEFEFFVETTDDSGRVNRVIVRNIEGADNSTYLDPNWIRYSTDNLSVPGNATPANPLRTRV
YGIVPINHGVGPGDRYTKYVRAEDAAGNITALVDKQSERFVLVIRPQTEKYTPQVPTLTYVQNANSLTQTDKDAVIAAVK
SANPNLPATSTYSVSENGTVTITYPDGSTDTIAAAQTVDTDRVAPVFVDEGRDYIFYRGEEGTAELHFYDNSGKITNVNF
AGDLAASSTYNTLLGLGFTFNTPNINNPNNATEQNPLVTTIRGTIPKSLPAGPGGKYTFKVRATDASGLTSEAKIFRIVF
ANQTDKYTPNNPGSLTGVLNPQQLSTSEKTAIEEKVRAANTGNLPNNVQYVVNNDGSVTVIYPDDTPASRSRDTITADRT
VQDLRPRNS
;
_entity_poly.pdbx_strand_id   A,E
#
# COMPACT_ATOMS: atom_id res chain seq x y z
N THR A 1 -11.40 26.85 66.75
CA THR A 1 -12.36 26.15 65.91
C THR A 1 -12.22 26.55 64.45
N ASP A 2 -12.96 25.83 63.61
CA ASP A 2 -12.95 26.00 62.17
C ASP A 2 -13.83 27.18 61.75
N THR A 3 -13.24 28.20 61.12
CA THR A 3 -14.00 29.31 60.57
C THR A 3 -13.80 29.43 59.06
N THR A 4 -13.30 28.38 58.42
CA THR A 4 -12.88 28.42 57.04
C THR A 4 -13.68 27.41 56.23
N PRO A 5 -14.32 27.84 55.14
CA PRO A 5 -15.14 26.92 54.34
C PRO A 5 -14.25 26.02 53.51
N PRO A 6 -14.79 24.96 52.93
CA PRO A 6 -13.95 24.04 52.15
C PRO A 6 -13.42 24.70 50.89
N THR A 7 -12.43 24.04 50.29
CA THR A 7 -11.87 24.45 49.02
C THR A 7 -12.45 23.60 47.89
N ILE A 8 -12.98 24.25 46.87
CA ILE A 8 -13.62 23.61 45.73
C ILE A 8 -12.75 23.74 44.49
N THR A 9 -12.48 22.63 43.82
N THR A 9 -12.49 22.62 43.82
CA THR A 9 -11.80 22.62 42.53
CA THR A 9 -11.79 22.61 42.55
C THR A 9 -12.68 21.95 41.50
C THR A 9 -12.70 21.95 41.50
N LEU A 10 -12.85 22.62 40.35
CA LEU A 10 -13.76 22.14 39.31
C LEU A 10 -13.39 22.81 38.00
N PRO A 11 -13.71 22.18 36.85
CA PRO A 11 -13.41 22.80 35.56
C PRO A 11 -14.28 24.04 35.36
N GLN A 12 -13.67 25.12 34.88
CA GLN A 12 -14.45 26.33 34.63
C GLN A 12 -15.39 26.19 33.44
N GLU A 13 -15.17 25.20 32.58
CA GLU A 13 -15.97 25.09 31.35
C GLU A 13 -16.08 23.63 30.97
N VAL A 14 -17.29 23.17 30.70
CA VAL A 14 -17.50 21.79 30.28
C VAL A 14 -18.31 21.84 28.99
N ILE A 15 -17.74 21.28 27.92
N ILE A 15 -17.73 21.31 27.91
CA ILE A 15 -18.43 21.19 26.64
CA ILE A 15 -18.44 21.20 26.63
C ILE A 15 -19.27 19.92 26.63
C ILE A 15 -19.27 19.93 26.66
N ALA A 16 -20.58 20.08 26.47
CA ALA A 16 -21.49 18.95 26.44
C ALA A 16 -22.14 18.90 25.06
N TYR A 17 -22.19 17.71 24.48
CA TYR A 17 -22.71 17.53 23.14
C TYR A 17 -24.16 17.08 23.20
N ARG A 18 -25.00 17.75 22.43
CA ARG A 18 -26.40 17.39 22.30
C ARG A 18 -26.57 15.89 22.03
N GLY A 19 -27.54 15.30 22.72
CA GLY A 19 -27.85 13.89 22.60
C GLY A 19 -26.84 12.93 23.22
N GLU A 20 -25.84 13.43 23.90
CA GLU A 20 -24.88 12.57 24.53
C GLU A 20 -24.82 12.79 26.04
N GLU A 21 -24.25 11.84 26.74
CA GLU A 21 -24.06 11.97 28.14
C GLU A 21 -22.82 12.83 28.39
N PHE A 22 -22.84 13.55 29.49
CA PHE A 22 -21.70 14.29 29.94
C PHE A 22 -21.45 13.94 31.40
N GLU A 23 -20.23 14.10 31.86
CA GLU A 23 -19.90 13.84 33.25
C GLU A 23 -18.59 14.51 33.61
N PHE A 24 -18.56 15.14 34.77
CA PHE A 24 -17.32 15.69 35.33
C PHE A 24 -17.46 15.70 36.85
N PHE A 25 -16.33 15.93 37.52
CA PHE A 25 -16.26 15.78 38.96
C PHE A 25 -15.83 17.09 39.61
N VAL A 26 -16.52 17.44 40.65
CA VAL A 26 -16.08 18.49 41.55
C VAL A 26 -15.32 17.82 42.67
N GLU A 27 -14.21 18.42 43.06
CA GLU A 27 -13.35 17.94 44.13
C GLU A 27 -13.30 18.99 45.22
N THR A 28 -13.56 18.53 46.41
CA THR A 28 -13.70 19.31 47.58
C THR A 28 -12.84 18.80 48.76
N THR A 29 -12.18 19.73 49.43
CA THR A 29 -11.32 19.45 50.58
C THR A 29 -11.52 20.45 51.69
N ASP A 30 -11.12 20.11 52.91
CA ASP A 30 -11.27 20.95 54.08
C ASP A 30 -10.29 20.51 55.14
N ASP A 31 -9.77 21.49 55.88
CA ASP A 31 -8.79 21.25 56.93
C ASP A 31 -9.23 20.14 57.91
N SER A 32 -10.49 20.15 58.32
CA SER A 32 -11.07 19.13 59.16
C SER A 32 -11.10 17.71 58.59
N GLY A 33 -11.07 17.59 57.27
CA GLY A 33 -11.15 16.35 56.57
C GLY A 33 -12.58 15.97 56.36
N ARG A 34 -13.49 16.86 56.71
CA ARG A 34 -14.89 16.59 56.52
C ARG A 34 -15.73 17.68 55.88
N VAL A 35 -16.48 17.30 54.85
CA VAL A 35 -17.41 18.18 54.19
C VAL A 35 -18.80 17.60 54.30
N ASN A 36 -19.73 18.38 54.76
CA ASN A 36 -21.08 17.94 54.95
C ASN A 36 -22.08 18.15 53.82
N ARG A 37 -21.90 19.20 53.05
N ARG A 37 -21.90 19.20 53.05
CA ARG A 37 -22.81 19.50 51.97
CA ARG A 37 -22.83 19.50 51.98
C ARG A 37 -22.03 19.96 50.76
C ARG A 37 -22.05 19.97 50.76
N VAL A 38 -22.59 19.73 49.58
CA VAL A 38 -22.00 20.14 48.33
C VAL A 38 -23.22 20.45 47.49
N ILE A 39 -23.34 21.65 47.03
CA ILE A 39 -24.50 22.07 46.31
C ILE A 39 -24.25 22.66 44.93
N VAL A 40 -25.12 22.36 43.97
CA VAL A 40 -25.07 22.94 42.64
C VAL A 40 -26.38 23.65 42.41
N ARG A 41 -26.33 24.92 42.17
CA ARG A 41 -27.50 25.70 41.96
C ARG A 41 -27.40 26.84 40.99
N ASN A 42 -28.56 27.37 40.66
CA ASN A 42 -28.71 28.56 39.85
C ASN A 42 -28.31 29.76 40.69
N ILE A 43 -27.91 30.84 40.12
CA ILE A 43 -27.47 31.97 40.93
C ILE A 43 -28.65 32.59 41.68
N GLU A 44 -29.77 32.77 41.02
CA GLU A 44 -30.92 33.41 41.63
C GLU A 44 -31.52 32.65 42.79
N GLY A 45 -32.05 33.37 43.76
CA GLY A 45 -32.64 32.75 44.92
C GLY A 45 -31.89 33.11 46.19
N ALA A 46 -32.54 32.82 47.31
CA ALA A 46 -31.97 33.16 48.60
C ALA A 46 -30.71 32.36 48.85
N ASP A 47 -29.98 32.78 49.84
CA ASP A 47 -28.79 32.08 50.22
C ASP A 47 -29.04 30.61 50.48
N ASN A 48 -30.18 30.25 51.01
CA ASN A 48 -30.45 28.86 51.29
C ASN A 48 -30.93 28.02 50.13
N SER A 49 -31.18 28.65 49.02
CA SER A 49 -31.68 27.94 47.90
C SER A 49 -30.78 26.91 47.24
N THR A 50 -31.34 25.78 46.89
CA THR A 50 -30.63 24.82 46.06
C THR A 50 -31.36 24.58 44.74
N TYR A 51 -32.25 25.48 44.34
CA TYR A 51 -32.96 25.34 43.08
C TYR A 51 -31.99 25.31 41.90
N LEU A 52 -32.18 24.33 41.01
CA LEU A 52 -31.32 24.12 39.84
C LEU A 52 -32.15 23.63 38.66
N ASP A 53 -31.88 24.18 37.48
CA ASP A 53 -32.57 23.79 36.26
C ASP A 53 -31.58 23.84 35.12
N PRO A 54 -31.85 23.15 33.99
CA PRO A 54 -32.98 22.27 33.66
C PRO A 54 -32.92 20.94 34.40
N ASN A 55 -33.96 20.13 34.22
CA ASN A 55 -34.06 18.89 34.98
C ASN A 55 -32.97 17.90 34.62
N TRP A 56 -32.32 18.04 33.46
CA TRP A 56 -31.34 17.05 33.03
C TRP A 56 -29.93 17.31 33.54
N ILE A 57 -29.66 18.44 34.19
CA ILE A 57 -28.38 18.58 34.88
C ILE A 57 -28.52 17.93 36.24
N ARG A 58 -27.73 16.89 36.49
CA ARG A 58 -27.83 16.12 37.72
C ARG A 58 -26.50 16.12 38.46
N TYR A 59 -26.56 15.82 39.74
CA TYR A 59 -25.33 15.66 40.49
C TYR A 59 -25.59 14.82 41.74
N SER A 60 -24.51 14.23 42.25
CA SER A 60 -24.58 13.40 43.43
C SER A 60 -23.22 13.34 44.10
N THR A 61 -23.21 13.28 45.42
CA THR A 61 -22.00 13.11 46.20
C THR A 61 -22.22 11.88 47.07
N ASP A 62 -21.48 10.81 46.80
CA ASP A 62 -21.73 9.55 47.48
C ASP A 62 -21.39 9.61 48.96
N ASN A 63 -20.42 10.42 49.35
CA ASN A 63 -19.85 10.21 50.68
C ASN A 63 -19.98 11.42 51.59
N LEU A 64 -21.10 12.10 51.55
CA LEU A 64 -21.33 13.29 52.34
C LEU A 64 -21.33 13.11 53.84
N SER A 65 -20.85 14.14 54.48
CA SER A 65 -20.74 14.22 55.91
C SER A 65 -20.33 12.97 56.67
N VAL A 66 -19.14 12.50 56.37
CA VAL A 66 -18.50 11.43 57.05
C VAL A 66 -17.08 11.91 57.34
N PRO A 67 -16.52 11.48 58.47
CA PRO A 67 -15.16 11.93 58.81
C PRO A 67 -14.12 11.39 57.84
N GLY A 68 -13.14 12.25 57.55
CA GLY A 68 -12.09 11.88 56.62
C GLY A 68 -12.50 11.83 55.16
N ASN A 69 -13.68 12.34 54.81
CA ASN A 69 -14.19 12.24 53.44
C ASN A 69 -13.63 13.29 52.49
N ALA A 70 -12.81 14.24 52.97
CA ALA A 70 -12.43 15.43 52.19
C ALA A 70 -11.01 15.89 52.51
N THR A 71 -10.01 15.08 52.13
CA THR A 71 -8.59 15.33 52.39
C THR A 71 -7.87 15.70 51.09
N PRO A 72 -6.69 16.31 51.18
CA PRO A 72 -5.96 16.61 49.93
C PRO A 72 -5.61 15.38 49.11
N ALA A 73 -5.20 14.27 49.74
CA ALA A 73 -4.87 13.09 48.97
C ALA A 73 -6.13 12.39 48.45
N ASN A 74 -7.26 12.53 49.13
CA ASN A 74 -8.50 11.86 48.73
C ASN A 74 -9.67 12.82 48.92
N PRO A 75 -9.84 13.75 47.99
CA PRO A 75 -10.90 14.75 48.12
C PRO A 75 -12.30 14.14 48.00
N LEU A 76 -13.26 14.87 48.53
CA LEU A 76 -14.67 14.53 48.31
C LEU A 76 -15.02 14.74 46.84
N ARG A 77 -15.59 13.72 46.21
CA ARG A 77 -15.89 13.75 44.78
C ARG A 77 -17.39 13.91 44.57
N THR A 78 -17.78 15.00 43.92
CA THR A 78 -19.17 15.24 43.54
C THR A 78 -19.30 15.01 42.04
N ARG A 79 -20.20 14.12 41.65
CA ARG A 79 -20.41 13.79 40.24
C ARG A 79 -21.46 14.73 39.68
N VAL A 80 -21.13 15.44 38.61
CA VAL A 80 -22.09 16.25 37.86
C VAL A 80 -22.25 15.60 36.49
N TYR A 81 -23.49 15.40 36.07
CA TYR A 81 -23.70 14.48 34.95
C TYR A 81 -25.11 14.66 34.42
N GLY A 82 -25.36 14.03 33.28
CA GLY A 82 -26.65 14.09 32.64
C GLY A 82 -26.56 13.64 31.20
N ILE A 83 -27.71 13.71 30.52
CA ILE A 83 -27.82 13.48 29.09
C ILE A 83 -28.47 14.71 28.48
N VAL A 84 -27.81 15.31 27.50
CA VAL A 84 -28.40 16.50 26.87
C VAL A 84 -29.52 16.08 25.94
N PRO A 85 -30.72 16.63 26.07
CA PRO A 85 -31.83 16.20 25.19
C PRO A 85 -31.47 16.39 23.73
N ILE A 86 -31.93 15.47 22.92
CA ILE A 86 -31.62 15.48 21.53
C ILE A 86 -32.00 16.75 20.79
N ASN A 87 -33.04 17.42 21.24
CA ASN A 87 -33.53 18.61 20.61
C ASN A 87 -33.16 19.93 21.25
N HIS A 88 -32.16 19.94 22.11
CA HIS A 88 -31.74 21.15 22.76
C HIS A 88 -31.19 22.18 21.76
N GLY A 89 -31.41 23.44 22.03
CA GLY A 89 -30.83 24.46 21.18
C GLY A 89 -29.31 24.39 21.16
N VAL A 90 -28.71 24.92 20.09
CA VAL A 90 -27.26 24.93 20.02
C VAL A 90 -26.76 26.30 19.59
N GLY A 91 -27.56 27.34 19.81
CA GLY A 91 -27.14 28.70 19.63
C GLY A 91 -26.08 29.12 20.65
N PRO A 92 -25.51 30.31 20.46
CA PRO A 92 -24.46 30.75 21.39
C PRO A 92 -24.97 30.99 22.80
N GLY A 93 -26.25 31.27 22.96
CA GLY A 93 -26.84 31.41 24.28
C GLY A 93 -27.22 30.12 24.96
N ASP A 94 -27.02 28.96 24.32
CA ASP A 94 -27.39 27.69 24.92
C ASP A 94 -26.20 27.21 25.76
N ARG A 95 -26.05 27.87 26.90
CA ARG A 95 -24.99 27.60 27.87
C ARG A 95 -25.54 27.94 29.23
N TYR A 96 -24.98 27.34 30.27
CA TYR A 96 -25.49 27.47 31.63
C TYR A 96 -24.33 27.72 32.58
N THR A 97 -24.37 28.80 33.34
CA THR A 97 -23.42 29.01 34.42
C THR A 97 -24.08 28.59 35.73
N LYS A 98 -23.52 27.56 36.39
CA LYS A 98 -24.08 26.99 37.62
C LYS A 98 -23.06 27.11 38.76
N TYR A 99 -23.56 27.37 39.97
CA TYR A 99 -22.70 27.72 41.08
C TYR A 99 -22.57 26.54 42.02
N VAL A 100 -21.36 26.32 42.51
CA VAL A 100 -21.06 25.15 43.34
C VAL A 100 -20.63 25.66 44.70
N ARG A 101 -21.26 25.13 45.75
CA ARG A 101 -20.97 25.53 47.11
C ARG A 101 -20.67 24.30 47.95
N ALA A 102 -19.88 24.51 49.00
CA ALA A 102 -19.59 23.44 49.94
C ALA A 102 -19.58 24.01 51.36
N GLU A 103 -19.95 23.16 52.31
CA GLU A 103 -20.14 23.53 53.71
C GLU A 103 -19.53 22.47 54.59
N ASP A 104 -18.69 22.88 55.54
CA ASP A 104 -18.01 21.90 56.38
C ASP A 104 -18.90 21.54 57.57
N ALA A 105 -18.40 20.69 58.47
CA ALA A 105 -19.21 20.29 59.62
C ALA A 105 -19.40 21.42 60.62
N ALA A 106 -18.53 22.42 60.61
CA ALA A 106 -18.68 23.56 61.50
C ALA A 106 -19.65 24.61 60.97
N GLY A 107 -20.24 24.36 59.79
CA GLY A 107 -21.21 25.25 59.20
C GLY A 107 -20.62 26.35 58.33
N ASN A 108 -19.35 26.25 57.94
CA ASN A 108 -18.74 27.26 57.08
C ASN A 108 -19.04 26.88 55.63
N ILE A 109 -19.94 27.65 54.96
CA ILE A 109 -20.28 27.48 53.56
C ILE A 109 -19.46 28.45 52.73
N THR A 110 -19.10 28.03 51.51
CA THR A 110 -18.43 28.95 50.59
C THR A 110 -19.40 30.06 50.15
N ALA A 111 -18.85 31.25 49.96
CA ALA A 111 -19.67 32.39 49.55
C ALA A 111 -20.17 32.23 48.12
N LEU A 112 -21.30 32.87 47.84
CA LEU A 112 -21.98 32.83 46.56
C LEU A 112 -21.95 34.25 46.01
N VAL A 113 -21.11 34.48 45.02
CA VAL A 113 -20.95 35.79 44.41
C VAL A 113 -21.23 35.66 42.92
N ASP A 114 -22.28 36.34 42.45
CA ASP A 114 -22.65 36.26 41.03
C ASP A 114 -21.45 36.58 40.16
N LYS A 115 -21.16 35.69 39.22
CA LYS A 115 -20.10 35.85 38.24
C LYS A 115 -18.70 35.80 38.85
N GLN A 116 -18.57 35.45 40.13
CA GLN A 116 -17.24 35.43 40.73
C GLN A 116 -16.93 34.21 41.58
N SER A 117 -17.89 33.63 42.31
CA SER A 117 -17.54 32.49 43.13
C SER A 117 -17.47 31.23 42.27
N GLU A 118 -17.19 30.12 42.93
CA GLU A 118 -17.02 28.83 42.30
C GLU A 118 -18.17 28.48 41.43
N ARG A 119 -17.84 28.26 40.18
CA ARG A 119 -18.80 27.99 39.15
C ARG A 119 -18.25 27.27 37.90
N PHE A 120 -19.15 26.68 37.14
CA PHE A 120 -18.87 26.05 35.86
C PHE A 120 -19.80 26.47 34.78
N VAL A 121 -19.29 26.52 33.57
CA VAL A 121 -20.08 26.88 32.43
C VAL A 121 -20.32 25.67 31.57
N LEU A 122 -21.55 25.23 31.49
CA LEU A 122 -21.88 24.05 30.70
C LEU A 122 -22.35 24.55 29.33
N VAL A 123 -21.61 24.22 28.27
CA VAL A 123 -21.83 24.74 26.92
C VAL A 123 -22.35 23.62 26.04
N ILE A 124 -23.54 23.79 25.47
CA ILE A 124 -24.18 22.76 24.66
C ILE A 124 -23.82 23.00 23.19
N ARG A 125 -23.19 22.02 22.56
CA ARG A 125 -22.73 22.07 21.18
C ARG A 125 -23.36 20.96 20.34
N PRO A 126 -23.42 21.13 19.02
CA PRO A 126 -23.97 20.07 18.17
C PRO A 126 -23.02 18.89 18.09
N GLN A 127 -23.60 17.72 17.77
CA GLN A 127 -22.78 16.52 17.72
C GLN A 127 -21.70 16.60 16.64
N THR A 128 -21.91 17.40 15.60
CA THR A 128 -20.92 17.50 14.53
C THR A 128 -19.61 18.13 15.02
N GLU A 129 -19.64 18.88 16.12
CA GLU A 129 -18.38 19.45 16.61
C GLU A 129 -17.51 18.43 17.33
N LYS A 130 -18.11 17.35 17.82
CA LYS A 130 -17.31 16.33 18.48
C LYS A 130 -16.58 15.44 17.48
N TYR A 131 -17.16 15.19 16.32
CA TYR A 131 -16.69 14.15 15.41
C TYR A 131 -16.04 14.77 14.18
N THR A 132 -14.87 14.25 13.81
CA THR A 132 -14.22 14.65 12.57
C THR A 132 -14.14 13.42 11.67
N PRO A 133 -14.92 13.36 10.59
CA PRO A 133 -14.94 12.14 9.77
C PRO A 133 -13.63 11.93 9.02
N GLN A 134 -13.23 10.66 8.91
CA GLN A 134 -12.03 10.26 8.19
C GLN A 134 -12.37 10.00 6.73
N VAL A 135 -11.49 10.46 5.84
CA VAL A 135 -11.63 10.23 4.39
C VAL A 135 -11.67 8.72 4.12
N PRO A 136 -12.58 8.22 3.29
CA PRO A 136 -12.56 6.80 2.95
C PRO A 136 -11.54 6.54 1.86
N THR A 137 -11.23 5.26 1.63
CA THR A 137 -10.49 4.94 0.43
C THR A 137 -11.40 5.23 -0.77
N LEU A 138 -10.78 5.74 -1.83
CA LEU A 138 -11.51 6.15 -3.03
C LEU A 138 -12.28 4.99 -3.65
N THR A 139 -13.49 5.29 -4.14
CA THR A 139 -14.29 4.38 -4.96
C THR A 139 -14.17 4.77 -6.43
N TYR A 140 -13.74 3.83 -7.26
CA TYR A 140 -13.56 4.08 -8.69
C TYR A 140 -14.83 3.68 -9.42
N VAL A 141 -15.47 4.66 -10.04
CA VAL A 141 -16.80 4.48 -10.59
C VAL A 141 -16.76 4.72 -12.10
N GLN A 142 -17.79 4.23 -12.77
CA GLN A 142 -17.92 4.41 -14.21
C GLN A 142 -18.07 5.88 -14.57
N ASN A 143 -18.83 6.64 -13.77
CA ASN A 143 -19.14 8.03 -14.07
C ASN A 143 -19.30 8.78 -12.75
N ALA A 144 -18.31 9.53 -12.35
CA ALA A 144 -18.33 10.29 -11.14
C ALA A 144 -19.33 11.44 -11.10
N ASN A 145 -20.09 11.61 -12.15
CA ASN A 145 -21.10 12.65 -12.25
C ASN A 145 -22.48 12.10 -12.07
N SER A 146 -22.60 10.79 -12.16
CA SER A 146 -23.87 10.15 -12.01
C SER A 146 -23.61 8.79 -11.44
N LEU A 147 -23.62 8.70 -10.11
CA LEU A 147 -23.34 7.46 -9.41
C LEU A 147 -24.52 6.49 -9.49
N THR A 148 -24.23 5.21 -9.68
CA THR A 148 -25.24 4.17 -9.54
C THR A 148 -25.52 3.91 -8.06
N GLN A 149 -26.57 3.11 -7.81
CA GLN A 149 -26.90 2.76 -6.43
C GLN A 149 -25.83 1.86 -5.82
N THR A 150 -25.32 0.90 -6.60
CA THR A 150 -24.20 0.10 -6.11
C THR A 150 -22.97 0.97 -5.86
N ASP A 151 -22.77 2.02 -6.67
CA ASP A 151 -21.73 3.00 -6.38
C ASP A 151 -21.97 3.66 -5.03
N LYS A 152 -23.20 4.08 -4.79
CA LYS A 152 -23.54 4.77 -3.57
C LYS A 152 -23.31 3.90 -2.37
N ASP A 153 -23.82 2.69 -2.42
CA ASP A 153 -23.68 1.72 -1.38
C ASP A 153 -22.19 1.52 -1.09
N ALA A 154 -21.38 1.39 -2.11
CA ALA A 154 -19.95 1.18 -1.89
C ALA A 154 -19.31 2.37 -1.19
N VAL A 155 -19.69 3.60 -1.58
CA VAL A 155 -19.12 4.77 -0.91
C VAL A 155 -19.52 4.80 0.56
N ILE A 156 -20.78 4.52 0.86
CA ILE A 156 -21.22 4.47 2.26
C ILE A 156 -20.41 3.43 3.03
N ALA A 157 -20.17 2.26 2.40
CA ALA A 157 -19.42 1.19 3.05
C ALA A 157 -18.02 1.65 3.39
N ALA A 158 -17.34 2.31 2.45
CA ALA A 158 -15.99 2.79 2.70
C ALA A 158 -15.97 3.96 3.69
N VAL A 159 -17.02 4.77 3.75
CA VAL A 159 -17.08 5.80 4.79
C VAL A 159 -17.20 5.15 6.16
N LYS A 160 -18.20 4.29 6.33
CA LYS A 160 -18.40 3.62 7.61
C LYS A 160 -17.13 2.90 8.04
N SER A 161 -16.57 2.09 7.16
CA SER A 161 -15.38 1.30 7.47
C SER A 161 -14.22 2.18 7.91
N ALA A 162 -14.12 3.39 7.38
CA ALA A 162 -13.07 4.32 7.80
C ALA A 162 -13.44 5.13 9.02
N ASN A 163 -14.67 5.03 9.53
CA ASN A 163 -15.14 5.85 10.64
C ASN A 163 -15.87 5.00 11.68
N PRO A 164 -15.18 4.03 12.28
CA PRO A 164 -15.86 3.20 13.29
C PRO A 164 -16.28 3.97 14.53
N ASN A 165 -15.67 5.11 14.81
CA ASN A 165 -15.92 5.85 16.04
C ASN A 165 -16.94 6.97 15.89
N LEU A 166 -17.61 7.07 14.75
CA LEU A 166 -18.79 7.91 14.67
C LEU A 166 -19.95 7.23 15.37
N PRO A 167 -20.95 7.98 15.82
CA PRO A 167 -22.12 7.36 16.46
C PRO A 167 -22.75 6.31 15.56
N ALA A 168 -23.05 5.15 16.14
CA ALA A 168 -23.56 4.04 15.36
C ALA A 168 -24.88 4.39 14.67
N THR A 169 -25.71 5.23 15.30
CA THR A 169 -26.99 5.64 14.76
C THR A 169 -26.89 6.84 13.82
N SER A 170 -25.70 7.20 13.36
CA SER A 170 -25.58 8.22 12.34
C SER A 170 -26.08 7.69 10.99
N THR A 171 -26.60 8.59 10.16
CA THR A 171 -27.11 8.18 8.85
C THR A 171 -26.29 8.84 7.74
N TYR A 172 -26.18 8.14 6.63
CA TYR A 172 -25.36 8.54 5.50
C TYR A 172 -26.21 8.62 4.25
N SER A 173 -25.99 9.67 3.46
CA SER A 173 -26.55 9.77 2.12
C SER A 173 -25.46 10.25 1.18
N VAL A 174 -25.55 9.78 -0.07
CA VAL A 174 -24.55 10.05 -1.09
C VAL A 174 -25.24 10.77 -2.23
N SER A 175 -24.66 11.89 -2.66
CA SER A 175 -25.26 12.63 -3.76
C SER A 175 -24.97 11.94 -5.08
N GLU A 176 -25.68 12.41 -6.10
N GLU A 176 -25.67 12.39 -6.13
CA GLU A 176 -25.50 11.97 -7.48
CA GLU A 176 -25.45 11.87 -7.47
C GLU A 176 -24.03 12.02 -7.91
C GLU A 176 -23.98 11.96 -7.89
N ASN A 177 -23.23 12.91 -7.33
CA ASN A 177 -21.82 13.04 -7.66
C ASN A 177 -20.89 12.46 -6.58
N GLY A 178 -21.43 11.77 -5.58
CA GLY A 178 -20.60 11.16 -4.55
C GLY A 178 -20.38 11.97 -3.29
N THR A 179 -20.87 13.20 -3.22
CA THR A 179 -20.76 13.98 -2.00
C THR A 179 -21.50 13.27 -0.88
N VAL A 180 -20.80 13.02 0.23
CA VAL A 180 -21.36 12.29 1.37
C VAL A 180 -21.86 13.29 2.42
N THR A 181 -23.09 13.10 2.86
CA THR A 181 -23.65 13.85 3.98
C THR A 181 -23.87 12.90 5.14
N ILE A 182 -23.20 13.17 6.26
CA ILE A 182 -23.35 12.40 7.48
C ILE A 182 -24.30 13.17 8.39
N THR A 183 -25.41 12.54 8.76
CA THR A 183 -26.37 13.15 9.67
C THR A 183 -26.24 12.46 11.03
N TYR A 184 -25.91 13.25 12.04
CA TYR A 184 -25.71 12.73 13.38
C TYR A 184 -27.04 12.54 14.08
N PRO A 185 -27.06 11.79 15.18
CA PRO A 185 -28.33 11.57 15.89
C PRO A 185 -29.08 12.84 16.29
N ASP A 186 -28.40 13.97 16.45
CA ASP A 186 -29.09 15.22 16.80
C ASP A 186 -29.51 16.05 15.59
N GLY A 187 -29.38 15.48 14.38
CA GLY A 187 -29.72 16.21 13.17
C GLY A 187 -28.64 17.14 12.66
N SER A 188 -27.55 17.35 13.39
CA SER A 188 -26.45 18.11 12.84
C SER A 188 -25.68 17.25 11.82
N THR A 189 -24.94 17.90 10.95
CA THR A 189 -24.42 17.19 9.79
C THR A 189 -22.93 17.46 9.61
N ASP A 190 -22.35 16.64 8.73
CA ASP A 190 -21.01 16.83 8.22
C ASP A 190 -20.99 16.36 6.77
N THR A 191 -20.01 16.84 6.02
CA THR A 191 -19.93 16.55 4.58
C THR A 191 -18.55 16.05 4.22
N ILE A 192 -18.49 14.98 3.41
CA ILE A 192 -17.24 14.55 2.81
C ILE A 192 -17.33 14.87 1.33
N ALA A 193 -16.36 15.62 0.83
CA ALA A 193 -16.42 16.14 -0.53
C ALA A 193 -16.28 15.02 -1.56
N ALA A 194 -16.94 15.21 -2.70
CA ALA A 194 -16.85 14.25 -3.79
C ALA A 194 -15.41 13.96 -4.20
N ALA A 195 -14.55 14.98 -4.16
CA ALA A 195 -13.15 14.76 -4.48
C ALA A 195 -12.51 13.73 -3.57
N GLN A 196 -13.02 13.58 -2.35
CA GLN A 196 -12.46 12.66 -1.39
C GLN A 196 -13.14 11.30 -1.37
N THR A 197 -14.19 11.09 -2.16
CA THR A 197 -14.90 9.83 -2.12
C THR A 197 -14.80 9.01 -3.40
N VAL A 198 -14.87 9.65 -4.58
CA VAL A 198 -14.94 8.94 -5.86
C VAL A 198 -14.05 9.60 -6.90
N ASP A 199 -13.72 8.79 -7.91
CA ASP A 199 -13.12 9.25 -9.16
C ASP A 199 -13.55 8.28 -10.24
N THR A 200 -13.58 8.75 -11.48
CA THR A 200 -13.96 7.85 -12.57
C THR A 200 -12.81 6.89 -12.86
N ASP A 201 -13.15 5.64 -13.10
CA ASP A 201 -12.13 4.64 -13.35
C ASP A 201 -11.60 4.84 -14.77
N ARG A 202 -10.33 5.23 -14.88
CA ARG A 202 -9.69 5.50 -16.17
C ARG A 202 -8.62 4.50 -16.54
N VAL A 203 -8.41 3.45 -15.74
CA VAL A 203 -7.31 2.52 -15.94
C VAL A 203 -7.85 1.10 -16.03
N ALA A 204 -7.49 0.40 -17.07
CA ALA A 204 -7.96 -0.96 -17.22
C ALA A 204 -7.12 -1.90 -16.35
N PRO A 205 -7.64 -3.08 -16.03
CA PRO A 205 -6.85 -4.07 -15.30
C PRO A 205 -5.49 -4.35 -15.94
N VAL A 206 -4.54 -4.81 -15.13
CA VAL A 206 -3.18 -5.10 -15.59
C VAL A 206 -2.97 -6.61 -15.52
N PHE A 207 -2.42 -7.18 -16.60
CA PHE A 207 -2.03 -8.60 -16.62
C PHE A 207 -0.55 -8.68 -16.23
N VAL A 208 -0.29 -9.10 -14.99
CA VAL A 208 1.08 -9.07 -14.49
C VAL A 208 2.00 -9.95 -15.33
N ASP A 209 1.50 -11.06 -15.83
CA ASP A 209 2.32 -12.08 -16.49
C ASP A 209 2.34 -11.93 -18.02
N GLU A 210 2.13 -10.71 -18.52
CA GLU A 210 2.15 -10.47 -19.97
C GLU A 210 3.47 -10.93 -20.56
N GLY A 211 3.39 -11.64 -21.70
CA GLY A 211 4.56 -12.11 -22.42
C GLY A 211 5.26 -13.31 -21.81
N ARG A 212 4.73 -13.88 -20.74
CA ARG A 212 5.43 -14.95 -20.04
C ARG A 212 5.28 -16.29 -20.76
N ASP A 213 6.35 -17.07 -20.77
CA ASP A 213 6.33 -18.44 -21.28
C ASP A 213 6.24 -19.42 -20.11
N TYR A 214 5.15 -20.18 -20.04
CA TYR A 214 4.98 -21.23 -19.04
C TYR A 214 5.33 -22.57 -19.68
N ILE A 215 6.31 -23.27 -19.11
CA ILE A 215 6.75 -24.53 -19.69
C ILE A 215 5.90 -25.66 -19.15
N PHE A 216 5.40 -26.49 -20.04
CA PHE A 216 4.68 -27.71 -19.68
C PHE A 216 5.47 -28.88 -20.25
N TYR A 217 5.86 -29.82 -19.39
CA TYR A 217 6.55 -31.02 -19.86
C TYR A 217 5.55 -32.05 -20.36
N ARG A 218 5.82 -32.61 -21.54
CA ARG A 218 4.92 -33.59 -22.13
C ARG A 218 4.71 -34.77 -21.19
N GLY A 219 3.45 -35.08 -20.93
CA GLY A 219 3.12 -36.23 -20.11
C GLY A 219 3.19 -36.01 -18.61
N GLU A 220 3.38 -34.77 -18.16
CA GLU A 220 3.36 -34.44 -16.75
C GLU A 220 2.39 -33.29 -16.52
N GLU A 221 1.42 -33.49 -15.64
CA GLU A 221 0.47 -32.42 -15.36
C GLU A 221 1.20 -31.21 -14.79
N GLY A 222 0.86 -30.02 -15.29
CA GLY A 222 1.44 -28.81 -14.78
C GLY A 222 0.38 -27.74 -14.53
N THR A 223 0.83 -26.64 -13.96
CA THR A 223 -0.02 -25.49 -13.71
C THR A 223 0.68 -24.22 -14.17
N ALA A 224 -0.13 -23.24 -14.53
CA ALA A 224 0.33 -21.91 -14.87
C ALA A 224 -0.59 -20.97 -14.10
N GLU A 225 0.01 -20.09 -13.31
CA GLU A 225 -0.73 -19.14 -12.49
C GLU A 225 -0.58 -17.77 -13.12
N LEU A 226 -1.70 -17.18 -13.52
N LEU A 226 -1.68 -17.17 -13.51
CA LEU A 226 -1.75 -15.87 -14.14
CA LEU A 226 -1.73 -15.87 -14.11
C LEU A 226 -2.30 -14.89 -13.11
C LEU A 226 -2.26 -14.91 -13.07
N HIS A 227 -1.67 -13.73 -13.01
CA HIS A 227 -2.00 -12.74 -11.98
C HIS A 227 -2.48 -11.45 -12.64
N PHE A 228 -3.51 -10.84 -12.04
CA PHE A 228 -4.13 -9.62 -12.55
C PHE A 228 -4.44 -8.71 -11.38
N TYR A 229 -4.37 -7.39 -11.61
CA TYR A 229 -4.86 -6.45 -10.62
C TYR A 229 -5.53 -5.29 -11.34
N ASP A 230 -6.19 -4.43 -10.55
CA ASP A 230 -6.84 -3.24 -11.07
C ASP A 230 -6.71 -2.11 -10.07
N ASN A 231 -6.64 -0.88 -10.59
CA ASN A 231 -6.57 0.28 -9.71
C ASN A 231 -7.75 0.35 -8.75
N SER A 232 -8.88 -0.23 -9.11
CA SER A 232 -10.01 -0.25 -8.19
C SER A 232 -9.91 -1.35 -7.15
N GLY A 233 -9.00 -2.30 -7.31
CA GLY A 233 -8.96 -3.47 -6.47
C GLY A 233 -9.89 -4.58 -6.85
N LYS A 234 -10.63 -4.44 -7.95
CA LYS A 234 -11.71 -5.36 -8.24
C LYS A 234 -11.76 -5.66 -9.73
N ILE A 235 -11.74 -6.95 -10.07
CA ILE A 235 -11.91 -7.42 -11.44
C ILE A 235 -13.13 -8.33 -11.46
N THR A 236 -13.97 -8.15 -12.47
CA THR A 236 -15.21 -8.90 -12.57
C THR A 236 -15.19 -10.02 -13.59
N ASN A 237 -14.32 -9.97 -14.60
CA ASN A 237 -14.30 -11.00 -15.63
C ASN A 237 -12.88 -11.11 -16.19
N VAL A 238 -12.46 -12.35 -16.44
CA VAL A 238 -11.22 -12.66 -17.14
C VAL A 238 -11.59 -13.49 -18.37
N ASN A 239 -11.12 -13.06 -19.54
CA ASN A 239 -11.59 -13.65 -20.79
C ASN A 239 -10.42 -14.05 -21.67
N PHE A 240 -10.42 -15.30 -22.10
CA PHE A 240 -9.39 -15.85 -22.96
C PHE A 240 -9.84 -16.01 -24.41
N ALA A 241 -11.13 -15.83 -24.68
CA ALA A 241 -11.66 -15.96 -26.03
C ALA A 241 -12.07 -14.64 -26.67
N GLY A 242 -11.19 -13.66 -26.60
CA GLY A 242 -11.39 -12.33 -27.13
C GLY A 242 -11.72 -12.26 -28.58
N ASP A 243 -10.86 -12.85 -29.41
CA ASP A 243 -11.07 -12.96 -30.83
C ASP A 243 -10.91 -14.40 -31.23
N LEU A 244 -11.26 -14.68 -32.47
CA LEU A 244 -11.13 -15.99 -33.00
C LEU A 244 -9.78 -16.71 -32.81
N ALA A 245 -8.70 -16.06 -33.15
CA ALA A 245 -7.38 -16.66 -32.96
C ALA A 245 -7.12 -17.04 -31.51
N ALA A 246 -7.44 -16.13 -30.58
CA ALA A 246 -7.26 -16.44 -29.15
C ALA A 246 -8.29 -17.45 -28.68
N SER A 247 -9.52 -17.35 -29.18
CA SER A 247 -10.57 -18.25 -28.71
C SER A 247 -10.35 -19.68 -29.19
N SER A 248 -9.68 -19.86 -30.33
CA SER A 248 -9.48 -21.21 -30.83
C SER A 248 -8.39 -21.96 -30.05
N THR A 249 -7.33 -21.26 -29.65
CA THR A 249 -6.34 -21.96 -28.83
C THR A 249 -6.82 -22.13 -27.39
N TYR A 250 -7.65 -21.21 -26.89
CA TYR A 250 -8.29 -21.44 -25.60
C TYR A 250 -9.15 -22.70 -25.64
N ASN A 251 -9.97 -22.83 -26.68
CA ASN A 251 -10.82 -24.01 -26.79
C ASN A 251 -10.00 -25.27 -27.08
N THR A 252 -8.87 -25.16 -27.78
CA THR A 252 -7.99 -26.31 -27.96
C THR A 252 -7.51 -26.85 -26.61
N LEU A 253 -7.03 -25.97 -25.73
CA LEU A 253 -6.59 -26.38 -24.40
C LEU A 253 -7.71 -27.05 -23.62
N LEU A 254 -8.91 -26.47 -23.64
CA LEU A 254 -10.04 -27.08 -22.94
C LEU A 254 -10.32 -28.49 -23.46
N GLY A 255 -10.16 -28.68 -24.77
CA GLY A 255 -10.37 -29.99 -25.36
C GLY A 255 -9.34 -31.00 -24.96
N LEU A 256 -8.13 -30.56 -24.60
CA LEU A 256 -7.12 -31.45 -24.04
C LEU A 256 -7.40 -31.81 -22.60
N GLY A 257 -8.48 -31.28 -22.02
CA GLY A 257 -8.81 -31.56 -20.64
C GLY A 257 -8.20 -30.61 -19.63
N PHE A 258 -7.72 -29.45 -20.07
CA PHE A 258 -7.23 -28.43 -19.14
C PHE A 258 -8.40 -27.75 -18.45
N THR A 259 -8.13 -27.20 -17.27
CA THR A 259 -9.10 -26.35 -16.58
C THR A 259 -8.50 -24.98 -16.35
N PHE A 260 -9.36 -23.99 -16.25
CA PHE A 260 -9.05 -22.63 -15.93
C PHE A 260 -9.86 -22.30 -14.67
N ASN A 261 -9.24 -21.96 -13.58
CA ASN A 261 -9.98 -21.65 -12.38
C ASN A 261 -9.50 -20.35 -11.76
N THR A 262 -10.45 -19.48 -11.46
CA THR A 262 -10.26 -18.16 -10.88
C THR A 262 -11.26 -18.11 -9.76
N PRO A 263 -10.87 -18.68 -8.62
CA PRO A 263 -11.85 -18.89 -7.54
C PRO A 263 -12.36 -17.62 -6.89
N ASN A 264 -11.60 -16.52 -6.92
CA ASN A 264 -12.01 -15.29 -6.25
C ASN A 264 -12.68 -14.30 -7.21
N ILE A 265 -13.15 -14.77 -8.38
CA ILE A 265 -13.58 -13.86 -9.43
C ILE A 265 -14.78 -13.00 -8.98
N ASN A 266 -15.59 -13.51 -8.06
CA ASN A 266 -16.79 -12.79 -7.63
C ASN A 266 -16.65 -12.16 -6.25
N ASN A 267 -15.48 -12.28 -5.61
CA ASN A 267 -15.23 -11.62 -4.34
C ASN A 267 -14.97 -10.13 -4.55
N PRO A 268 -15.36 -9.29 -3.58
CA PRO A 268 -14.92 -7.90 -3.60
C PRO A 268 -13.43 -7.82 -3.32
N ASN A 269 -12.84 -6.70 -3.73
CA ASN A 269 -11.43 -6.41 -3.46
C ASN A 269 -10.54 -7.62 -3.78
N ASN A 270 -10.80 -8.24 -4.93
CA ASN A 270 -10.15 -9.49 -5.32
C ASN A 270 -8.92 -9.28 -6.20
N ALA A 271 -8.45 -8.04 -6.34
CA ALA A 271 -7.51 -7.78 -7.43
C ALA A 271 -6.62 -6.57 -7.17
N THR A 272 -5.83 -6.63 -6.11
CA THR A 272 -4.89 -5.56 -5.83
C THR A 272 -3.50 -6.02 -6.22
N GLU A 273 -2.59 -5.05 -6.34
CA GLU A 273 -1.21 -5.39 -6.64
C GLU A 273 -0.63 -6.33 -5.59
N GLN A 274 -0.95 -6.10 -4.31
CA GLN A 274 -0.36 -6.92 -3.25
C GLN A 274 -1.03 -8.29 -3.16
N ASN A 275 -2.30 -8.38 -3.51
CA ASN A 275 -3.05 -9.63 -3.47
C ASN A 275 -3.78 -9.77 -4.80
N PRO A 276 -3.07 -10.09 -5.87
CA PRO A 276 -3.67 -10.09 -7.21
C PRO A 276 -4.70 -11.20 -7.38
N LEU A 277 -5.55 -11.02 -8.37
CA LEU A 277 -6.42 -12.10 -8.80
C LEU A 277 -5.61 -13.16 -9.56
N VAL A 278 -5.82 -14.42 -9.22
CA VAL A 278 -5.02 -15.52 -9.76
C VAL A 278 -5.94 -16.47 -10.52
N THR A 279 -5.58 -16.71 -11.75
CA THR A 279 -6.22 -17.67 -12.58
C THR A 279 -5.21 -18.79 -12.78
N THR A 280 -5.60 -20.00 -12.45
CA THR A 280 -4.78 -21.15 -12.61
C THR A 280 -5.22 -22.06 -13.73
N ILE A 281 -4.33 -22.35 -14.64
CA ILE A 281 -4.55 -23.24 -15.76
C ILE A 281 -3.87 -24.55 -15.41
N ARG A 282 -4.60 -25.65 -15.45
CA ARG A 282 -4.10 -26.95 -15.01
C ARG A 282 -4.38 -27.97 -16.10
N GLY A 283 -3.40 -28.81 -16.41
CA GLY A 283 -3.61 -29.85 -17.39
C GLY A 283 -2.30 -30.48 -17.83
N THR A 284 -2.43 -31.46 -18.73
CA THR A 284 -1.28 -32.23 -19.19
C THR A 284 -1.21 -32.13 -20.71
N ILE A 285 -0.07 -31.66 -21.21
CA ILE A 285 0.18 -31.73 -22.64
C ILE A 285 0.54 -33.17 -22.99
N PRO A 286 -0.30 -33.90 -23.73
CA PRO A 286 -0.03 -35.31 -24.00
C PRO A 286 1.13 -35.49 -24.96
N LYS A 287 1.78 -36.66 -24.87
CA LYS A 287 2.93 -36.91 -25.74
C LYS A 287 2.58 -36.86 -27.22
N SER A 288 1.30 -36.95 -27.60
CA SER A 288 0.98 -36.87 -29.03
C SER A 288 1.17 -35.45 -29.58
N LEU A 289 1.34 -34.45 -28.72
CA LEU A 289 1.80 -33.14 -29.18
C LEU A 289 3.32 -33.06 -29.09
N PRO A 290 4.04 -32.86 -30.18
CA PRO A 290 5.50 -32.86 -30.12
C PRO A 290 6.05 -31.52 -29.65
N ALA A 291 7.20 -31.57 -28.99
CA ALA A 291 7.93 -30.34 -28.74
C ALA A 291 8.64 -29.90 -30.02
N GLY A 292 8.95 -28.62 -30.10
CA GLY A 292 9.68 -28.11 -31.24
C GLY A 292 9.26 -26.71 -31.68
N PRO A 293 9.51 -26.40 -32.95
CA PRO A 293 9.26 -25.02 -33.44
C PRO A 293 7.81 -24.58 -33.34
N GLY A 294 6.87 -25.46 -33.67
CA GLY A 294 5.46 -25.22 -33.47
C GLY A 294 4.90 -25.83 -32.20
N GLY A 295 5.76 -26.27 -31.28
CA GLY A 295 5.32 -26.83 -30.03
C GLY A 295 5.04 -25.79 -28.95
N LYS A 296 4.03 -24.95 -29.20
CA LYS A 296 3.59 -23.92 -28.28
C LYS A 296 2.10 -23.69 -28.50
N TYR A 297 1.42 -23.24 -27.45
CA TYR A 297 0.12 -22.61 -27.61
C TYR A 297 0.28 -21.16 -27.16
N THR A 298 -0.23 -20.24 -27.98
CA THR A 298 -0.14 -18.81 -27.74
C THR A 298 -1.54 -18.28 -27.45
N PHE A 299 -1.70 -17.62 -26.30
CA PHE A 299 -3.01 -17.18 -25.83
C PHE A 299 -3.07 -15.67 -25.75
N LYS A 300 -4.30 -15.15 -25.66
CA LYS A 300 -4.57 -13.73 -25.42
C LYS A 300 -5.64 -13.63 -24.34
N VAL A 301 -5.40 -12.78 -23.34
CA VAL A 301 -6.32 -12.63 -22.21
C VAL A 301 -6.65 -11.16 -22.02
N ARG A 302 -7.93 -10.88 -21.72
CA ARG A 302 -8.39 -9.56 -21.31
C ARG A 302 -9.10 -9.65 -19.97
N ALA A 303 -9.02 -8.60 -19.19
CA ALA A 303 -9.71 -8.52 -17.91
C ALA A 303 -10.52 -7.25 -17.83
N THR A 304 -11.66 -7.35 -17.20
CA THR A 304 -12.59 -6.28 -17.07
C THR A 304 -12.87 -5.88 -15.64
N ASP A 305 -12.87 -4.59 -15.33
CA ASP A 305 -13.18 -4.19 -13.97
C ASP A 305 -14.69 -3.94 -13.82
N ALA A 306 -15.12 -3.62 -12.58
CA ALA A 306 -16.54 -3.43 -12.31
C ALA A 306 -17.13 -2.21 -13.00
N SER A 307 -16.31 -1.24 -13.40
CA SER A 307 -16.81 -0.12 -14.19
C SER A 307 -16.87 -0.41 -15.68
N GLY A 308 -16.45 -1.59 -16.12
CA GLY A 308 -16.58 -1.98 -17.51
C GLY A 308 -15.39 -1.70 -18.38
N LEU A 309 -14.31 -1.16 -17.83
CA LEU A 309 -13.07 -1.04 -18.58
C LEU A 309 -12.45 -2.43 -18.81
N THR A 310 -12.15 -2.76 -20.05
CA THR A 310 -11.55 -4.01 -20.38
C THR A 310 -10.15 -3.74 -20.85
N SER A 311 -9.17 -4.48 -20.36
CA SER A 311 -7.79 -4.32 -20.78
C SER A 311 -7.51 -4.67 -22.21
N GLU A 312 -6.42 -4.18 -22.75
CA GLU A 312 -6.04 -4.51 -24.09
C GLU A 312 -5.49 -5.93 -24.01
N ALA A 313 -5.89 -6.79 -24.93
CA ALA A 313 -5.45 -8.17 -24.96
C ALA A 313 -3.96 -8.36 -24.82
N LYS A 314 -3.54 -9.21 -23.92
CA LYS A 314 -2.15 -9.40 -23.76
C LYS A 314 -1.89 -10.89 -23.91
N ILE A 315 -0.68 -11.18 -24.24
CA ILE A 315 -0.25 -12.48 -24.56
C ILE A 315 0.54 -13.25 -23.55
N PHE A 316 0.25 -14.53 -23.50
CA PHE A 316 1.07 -15.50 -22.78
C PHE A 316 1.10 -16.78 -23.60
N ARG A 317 2.05 -17.66 -23.26
CA ARG A 317 2.28 -18.88 -24.04
C ARG A 317 2.52 -20.06 -23.11
N ILE A 318 2.04 -21.23 -23.54
CA ILE A 318 2.41 -22.51 -22.95
C ILE A 318 3.38 -23.19 -23.90
N VAL A 319 4.56 -23.53 -23.41
CA VAL A 319 5.64 -24.03 -24.24
C VAL A 319 5.88 -25.49 -23.88
N PHE A 320 5.86 -26.35 -24.90
CA PHE A 320 6.03 -27.77 -24.68
C PHE A 320 7.51 -28.08 -24.50
N ALA A 321 7.80 -29.02 -23.61
CA ALA A 321 9.18 -29.46 -23.38
C ALA A 321 9.22 -30.97 -23.18
N ASN A 322 10.22 -31.59 -23.76
CA ASN A 322 10.46 -33.00 -23.54
C ASN A 322 10.88 -33.23 -22.09
N GLN A 323 10.52 -34.39 -21.56
CA GLN A 323 10.88 -34.69 -20.17
C GLN A 323 12.39 -34.74 -19.98
N THR A 324 13.15 -35.09 -21.03
CA THR A 324 14.59 -35.14 -20.85
C THR A 324 15.18 -33.76 -20.56
N ASP A 325 14.50 -32.69 -20.97
CA ASP A 325 14.95 -31.35 -20.60
C ASP A 325 14.93 -31.14 -19.10
N LYS A 326 14.12 -31.92 -18.39
CA LYS A 326 13.92 -31.80 -16.96
C LYS A 326 14.79 -32.75 -16.15
N TYR A 327 15.23 -33.86 -16.73
CA TYR A 327 15.91 -34.89 -15.96
C TYR A 327 17.35 -35.10 -16.43
N THR A 328 18.21 -35.43 -15.46
CA THR A 328 19.60 -35.78 -15.71
C THR A 328 19.87 -37.13 -15.05
N PRO A 329 20.21 -38.18 -15.79
CA PRO A 329 20.47 -39.47 -15.16
C PRO A 329 21.69 -39.41 -14.25
N ASN A 330 21.60 -40.12 -13.13
CA ASN A 330 22.79 -40.43 -12.34
C ASN A 330 23.53 -41.62 -12.95
N ASN A 331 24.84 -41.58 -12.87
CA ASN A 331 25.68 -42.66 -13.36
C ASN A 331 25.69 -43.84 -12.38
N PRO A 332 25.95 -45.05 -12.86
CA PRO A 332 26.02 -46.20 -11.94
C PRO A 332 27.07 -45.99 -10.86
N GLY A 333 26.81 -46.58 -9.69
CA GLY A 333 27.76 -46.44 -8.58
C GLY A 333 29.08 -47.13 -8.85
N SER A 334 29.07 -48.19 -9.64
CA SER A 334 30.29 -48.84 -10.08
C SER A 334 30.16 -49.23 -11.55
N LEU A 335 31.26 -49.55 -12.14
CA LEU A 335 31.23 -49.99 -13.51
C LEU A 335 30.96 -51.49 -13.54
N THR A 336 30.64 -52.02 -14.70
CA THR A 336 30.46 -53.42 -14.83
C THR A 336 31.55 -54.06 -15.70
N GLY A 337 32.14 -55.12 -15.21
CA GLY A 337 33.15 -55.79 -15.97
C GLY A 337 32.60 -56.41 -17.23
N VAL A 338 33.25 -56.20 -18.37
CA VAL A 338 32.85 -56.82 -19.64
C VAL A 338 34.04 -57.51 -20.33
N LEU A 339 33.82 -58.68 -20.90
CA LEU A 339 34.92 -59.46 -21.45
C LEU A 339 35.37 -58.92 -22.79
N ASN A 340 34.47 -58.44 -23.59
CA ASN A 340 34.82 -57.87 -24.83
C ASN A 340 33.99 -56.64 -24.96
N PRO A 341 34.59 -55.48 -24.89
CA PRO A 341 33.93 -54.19 -24.98
C PRO A 341 33.20 -53.86 -26.26
N GLN A 342 33.49 -54.54 -27.34
CA GLN A 342 32.81 -54.33 -28.57
C GLN A 342 31.43 -55.02 -28.69
N GLN A 343 31.17 -56.01 -27.87
CA GLN A 343 29.92 -56.71 -27.84
C GLN A 343 29.67 -57.23 -26.47
N LEU A 344 28.72 -56.64 -25.82
CA LEU A 344 28.36 -57.07 -24.48
C LEU A 344 27.47 -58.30 -24.56
N SER A 345 27.65 -59.19 -23.59
CA SER A 345 26.78 -60.33 -23.44
C SER A 345 25.48 -59.92 -22.74
N THR A 346 24.52 -60.84 -22.74
CA THR A 346 23.24 -60.57 -22.08
C THR A 346 23.44 -60.28 -20.60
N SER A 347 24.19 -61.13 -19.91
CA SER A 347 24.33 -60.96 -18.47
C SER A 347 25.04 -59.66 -18.14
N GLU A 348 26.00 -59.25 -18.98
CA GLU A 348 26.65 -57.96 -18.79
C GLU A 348 25.65 -56.81 -18.95
N LYS A 349 24.84 -56.84 -20.02
CA LYS A 349 23.79 -55.83 -20.19
C LYS A 349 22.82 -55.82 -19.02
N THR A 350 22.38 -57.00 -18.58
CA THR A 350 21.47 -57.06 -17.45
C THR A 350 22.09 -56.44 -16.21
N ALA A 351 23.38 -56.69 -15.99
CA ALA A 351 24.05 -56.16 -14.80
C ALA A 351 24.21 -54.65 -14.87
N ILE A 352 24.47 -54.11 -16.06
CA ILE A 352 24.54 -52.66 -16.23
C ILE A 352 23.17 -52.02 -15.97
N GLU A 353 22.12 -52.57 -16.58
CA GLU A 353 20.79 -51.98 -16.41
C GLU A 353 20.42 -51.91 -14.93
N GLU A 354 20.76 -52.94 -14.16
CA GLU A 354 20.46 -52.94 -12.73
C GLU A 354 21.16 -51.77 -12.02
N LYS A 355 22.45 -51.56 -12.30
CA LYS A 355 23.16 -50.49 -11.61
C LYS A 355 22.62 -49.11 -12.00
N VAL A 356 22.25 -48.93 -13.27
CA VAL A 356 21.67 -47.67 -13.69
C VAL A 356 20.32 -47.46 -13.04
N ARG A 357 19.49 -48.51 -13.02
CA ARG A 357 18.19 -48.44 -12.35
C ARG A 357 18.35 -48.03 -10.89
N ALA A 358 19.17 -48.79 -10.15
CA ALA A 358 19.39 -48.50 -8.74
C ALA A 358 19.90 -47.08 -8.53
N ALA A 359 20.73 -46.59 -9.45
CA ALA A 359 21.29 -45.25 -9.28
C ALA A 359 20.29 -44.15 -9.53
N ASN A 360 19.11 -44.44 -10.08
CA ASN A 360 18.22 -43.37 -10.50
C ASN A 360 16.84 -43.43 -9.87
N THR A 361 16.60 -44.35 -8.95
CA THR A 361 15.32 -44.33 -8.25
C THR A 361 15.23 -43.06 -7.40
N GLY A 362 14.05 -42.45 -7.41
CA GLY A 362 13.90 -41.16 -6.77
C GLY A 362 14.45 -39.99 -7.56
N ASN A 363 15.08 -40.22 -8.72
CA ASN A 363 15.58 -39.14 -9.56
C ASN A 363 14.84 -39.08 -10.89
N LEU A 364 14.89 -40.14 -11.66
CA LEU A 364 14.17 -40.21 -12.91
C LEU A 364 12.78 -40.77 -12.68
N PRO A 365 11.87 -40.59 -13.62
CA PRO A 365 10.53 -41.19 -13.48
C PRO A 365 10.60 -42.69 -13.21
N ASN A 366 9.65 -43.17 -12.38
CA ASN A 366 9.55 -44.60 -12.11
C ASN A 366 9.27 -45.41 -13.37
N ASN A 367 8.79 -44.78 -14.46
CA ASN A 367 8.47 -45.52 -15.67
C ASN A 367 9.39 -45.14 -16.83
N VAL A 368 10.61 -44.77 -16.51
N VAL A 368 10.61 -44.71 -16.51
CA VAL A 368 11.66 -44.61 -17.50
CA VAL A 368 11.62 -44.64 -17.56
C VAL A 368 12.17 -45.98 -17.93
C VAL A 368 12.00 -46.05 -18.00
N GLN A 369 12.52 -46.12 -19.21
CA GLN A 369 13.01 -47.37 -19.74
C GLN A 369 14.48 -47.21 -20.10
N TYR A 370 15.24 -48.27 -19.92
CA TYR A 370 16.67 -48.29 -20.21
C TYR A 370 16.93 -49.33 -21.28
N VAL A 371 17.71 -48.96 -22.29
CA VAL A 371 18.22 -49.92 -23.27
C VAL A 371 19.74 -49.91 -23.17
N VAL A 372 20.32 -51.07 -22.86
CA VAL A 372 21.77 -51.22 -22.82
C VAL A 372 22.23 -51.67 -24.19
N ASN A 373 22.99 -50.82 -24.88
CA ASN A 373 23.39 -51.06 -26.25
C ASN A 373 24.58 -52.02 -26.29
N ASN A 374 24.90 -52.48 -27.50
CA ASN A 374 25.91 -53.51 -27.66
C ASN A 374 27.27 -53.04 -27.15
N ASP A 375 27.57 -51.74 -27.26
CA ASP A 375 28.78 -51.16 -26.71
C ASP A 375 28.66 -50.82 -25.22
N GLY A 376 27.57 -51.21 -24.55
CA GLY A 376 27.43 -50.92 -23.13
C GLY A 376 26.99 -49.51 -22.79
N SER A 377 26.94 -48.59 -23.75
CA SER A 377 26.25 -47.33 -23.50
C SER A 377 24.78 -47.62 -23.21
N VAL A 378 24.10 -46.66 -22.57
CA VAL A 378 22.75 -46.90 -22.08
C VAL A 378 21.86 -45.78 -22.60
N THR A 379 20.79 -46.14 -23.30
CA THR A 379 19.75 -45.20 -23.72
C THR A 379 18.67 -45.10 -22.65
N VAL A 380 18.44 -43.90 -22.15
CA VAL A 380 17.38 -43.61 -21.19
C VAL A 380 16.23 -43.01 -21.98
N ILE A 381 15.08 -43.67 -21.99
N ILE A 381 15.08 -43.69 -21.96
CA ILE A 381 13.94 -43.22 -22.77
CA ILE A 381 13.89 -43.33 -22.74
C ILE A 381 12.80 -42.89 -21.82
C ILE A 381 12.79 -42.90 -21.77
N TYR A 382 12.42 -41.61 -21.80
CA TYR A 382 11.39 -41.10 -20.91
C TYR A 382 9.98 -41.41 -21.43
N PRO A 383 8.97 -41.41 -20.55
CA PRO A 383 7.63 -41.84 -20.98
C PRO A 383 7.01 -41.00 -22.08
N ASP A 384 7.49 -39.80 -22.33
CA ASP A 384 6.89 -38.99 -23.39
C ASP A 384 7.57 -39.21 -24.74
N ASP A 385 8.49 -40.16 -24.82
CA ASP A 385 9.22 -40.37 -26.07
C ASP A 385 8.27 -40.75 -27.20
N THR A 386 8.38 -40.07 -28.34
CA THR A 386 7.65 -40.40 -29.56
C THR A 386 8.57 -40.22 -30.77
N PRO A 387 8.21 -40.81 -31.90
CA PRO A 387 9.04 -40.58 -33.10
C PRO A 387 9.10 -39.12 -33.54
N ALA A 388 8.04 -38.33 -33.33
CA ALA A 388 8.08 -36.92 -33.73
C ALA A 388 8.76 -36.03 -32.70
N SER A 389 8.95 -36.53 -31.47
CA SER A 389 9.53 -35.74 -30.40
C SER A 389 10.20 -36.73 -29.45
N ARG A 390 11.44 -37.08 -29.77
CA ARG A 390 12.16 -38.04 -28.93
C ARG A 390 12.57 -37.36 -27.63
N SER A 391 12.41 -38.08 -26.53
CA SER A 391 12.76 -37.59 -25.20
C SER A 391 13.66 -38.65 -24.58
N ARG A 392 14.97 -38.40 -24.62
CA ARG A 392 15.94 -39.44 -24.35
C ARG A 392 17.21 -38.85 -23.77
N ASP A 393 17.99 -39.73 -23.15
CA ASP A 393 19.31 -39.42 -22.60
C ASP A 393 20.23 -40.58 -22.91
N THR A 394 21.52 -40.29 -23.00
CA THR A 394 22.54 -41.31 -23.23
C THR A 394 23.50 -41.31 -22.06
N ILE A 395 23.74 -42.48 -21.48
CA ILE A 395 24.84 -42.67 -20.54
C ILE A 395 25.97 -43.35 -21.32
N THR A 396 27.11 -42.68 -21.43
CA THR A 396 28.20 -43.21 -22.26
C THR A 396 28.83 -44.44 -21.61
N ALA A 397 29.49 -45.25 -22.45
CA ALA A 397 30.02 -46.54 -22.00
C ALA A 397 31.13 -46.38 -20.98
N ASP A 398 31.91 -45.29 -21.05
CA ASP A 398 32.94 -45.08 -20.04
C ASP A 398 32.36 -44.85 -18.67
N ARG A 399 31.04 -44.68 -18.55
CA ARG A 399 30.41 -44.55 -17.25
C ARG A 399 29.73 -45.83 -16.79
N THR A 400 29.73 -46.89 -17.62
CA THR A 400 29.00 -48.11 -17.31
C THR A 400 29.87 -49.36 -17.42
N VAL A 401 30.79 -49.37 -18.39
CA VAL A 401 31.54 -50.56 -18.78
C VAL A 401 32.97 -50.50 -18.23
N GLN A 402 33.55 -51.67 -17.91
CA GLN A 402 34.98 -51.78 -17.61
C GLN A 402 35.57 -53.00 -18.29
N ASP A 403 36.49 -52.76 -19.20
CA ASP A 403 37.20 -53.82 -19.92
C ASP A 403 37.90 -54.73 -18.93
N LEU A 404 37.68 -56.03 -19.06
CA LEU A 404 38.30 -57.02 -18.18
C LEU A 404 39.42 -57.78 -18.87
N ARG A 405 39.79 -57.40 -20.08
CA ARG A 405 40.84 -58.12 -20.78
C ARG A 405 42.18 -57.93 -20.08
N PRO A 406 42.96 -58.96 -19.98
CA PRO A 406 44.22 -58.83 -19.31
C PRO A 406 45.24 -58.11 -20.17
N ARG A 407 46.28 -57.62 -19.55
CA ARG A 407 47.26 -56.92 -20.29
C ARG A 407 48.40 -57.81 -20.71
N ASN A 408 49.03 -57.49 -21.82
CA ASN A 408 50.13 -58.26 -22.37
C ASN A 408 51.30 -58.21 -21.40
N SER A 409 52.06 -59.28 -21.40
CA SER A 409 53.29 -59.48 -20.63
C SER A 409 53.79 -58.42 -19.64
N THR B 1 -42.56 56.48 1.02
CA THR B 1 -41.34 57.23 0.92
C THR B 1 -40.02 56.52 1.32
N ASP B 2 -40.09 55.45 2.03
CA ASP B 2 -38.85 54.75 2.33
C ASP B 2 -38.61 54.99 3.78
N THR B 3 -39.41 54.34 4.60
N THR B 3 -39.45 54.36 4.61
CA THR B 3 -39.31 54.46 6.05
CA THR B 3 -39.34 54.45 6.06
C THR B 3 -38.84 53.17 6.71
C THR B 3 -38.95 53.11 6.69
N THR B 4 -38.29 52.27 5.92
CA THR B 4 -37.85 50.95 6.35
C THR B 4 -36.38 50.71 6.34
N PRO B 5 -35.83 50.23 7.45
CA PRO B 5 -34.35 50.09 7.46
C PRO B 5 -33.90 48.86 6.71
N PRO B 6 -32.62 48.77 6.38
CA PRO B 6 -32.13 47.61 5.64
C PRO B 6 -32.30 46.31 6.41
N THR B 7 -32.23 45.20 5.71
CA THR B 7 -32.35 43.89 6.24
C THR B 7 -30.95 43.31 6.34
N ILE B 8 -30.53 42.95 7.54
CA ILE B 8 -29.22 42.40 7.82
C ILE B 8 -29.22 40.92 8.11
N THR B 9 -28.41 40.19 7.38
CA THR B 9 -28.23 38.77 7.52
C THR B 9 -26.81 38.42 7.95
N LEU B 10 -26.66 37.73 9.05
CA LEU B 10 -25.34 37.33 9.56
C LEU B 10 -25.37 36.16 10.53
N PRO B 11 -24.27 35.43 10.65
CA PRO B 11 -24.25 34.30 11.55
C PRO B 11 -24.42 34.71 12.98
N GLN B 12 -25.09 33.93 13.78
CA GLN B 12 -25.27 34.33 15.17
C GLN B 12 -24.03 34.06 16.00
N GLU B 13 -23.15 33.17 15.54
CA GLU B 13 -21.97 32.80 16.28
C GLU B 13 -20.84 32.57 15.29
N VAL B 14 -19.66 32.99 15.67
CA VAL B 14 -18.47 32.80 14.92
C VAL B 14 -17.37 32.34 15.83
N ILE B 15 -16.86 31.16 15.56
CA ILE B 15 -15.77 30.63 16.31
C ILE B 15 -14.45 31.05 15.66
N ALA B 16 -13.62 31.72 16.42
CA ALA B 16 -12.34 32.16 15.95
C ALA B 16 -11.26 31.54 16.80
N TYR B 17 -10.19 31.13 16.16
CA TYR B 17 -9.09 30.50 16.83
C TYR B 17 -7.94 31.42 17.12
N ARG B 18 -7.45 31.31 18.32
CA ARG B 18 -6.34 32.07 18.82
C ARG B 18 -5.14 32.04 17.91
N GLY B 19 -4.61 33.17 17.58
CA GLY B 19 -3.49 33.25 16.71
C GLY B 19 -3.79 33.19 15.24
N GLU B 20 -5.04 33.00 14.87
CA GLU B 20 -5.41 32.91 13.50
C GLU B 20 -6.28 34.05 13.02
N GLU B 21 -6.34 34.15 11.72
CA GLU B 21 -7.16 35.10 11.05
C GLU B 21 -8.57 34.56 11.01
N PHE B 22 -9.54 35.39 11.25
CA PHE B 22 -10.91 34.98 11.12
C PHE B 22 -11.60 35.91 10.12
N GLU B 23 -12.66 35.44 9.51
CA GLU B 23 -13.35 36.24 8.51
C GLU B 23 -14.74 35.67 8.28
N PHE B 24 -15.74 36.55 8.27
CA PHE B 24 -17.09 36.21 7.82
C PHE B 24 -17.70 37.44 7.19
N PHE B 25 -18.84 37.25 6.52
CA PHE B 25 -19.48 38.34 5.82
C PHE B 25 -20.89 38.58 6.34
N VAL B 26 -21.20 39.86 6.49
N VAL B 26 -21.24 39.85 6.49
CA VAL B 26 -22.56 40.34 6.72
CA VAL B 26 -22.64 40.22 6.73
C VAL B 26 -23.14 40.73 5.35
C VAL B 26 -23.19 40.78 5.42
N GLU B 27 -24.37 40.31 5.05
CA GLU B 27 -25.02 40.70 3.80
C GLU B 27 -26.23 41.55 4.14
N THR B 28 -26.31 42.74 3.56
N THR B 28 -26.34 42.71 3.50
CA THR B 28 -27.41 43.64 3.84
CA THR B 28 -27.36 43.70 3.82
C THR B 28 -28.18 43.94 2.57
C THR B 28 -28.15 44.06 2.58
N THR B 29 -29.49 44.14 2.72
CA THR B 29 -30.38 44.32 1.60
C THR B 29 -31.37 45.43 1.92
N ASP B 30 -31.80 46.16 0.88
CA ASP B 30 -32.76 47.23 1.08
C ASP B 30 -33.66 47.37 -0.14
N ASP B 31 -34.94 47.63 0.14
N ASP B 31 -34.93 47.70 0.09
CA ASP B 31 -35.94 47.98 -0.86
CA ASP B 31 -35.87 47.87 -1.02
C ASP B 31 -35.37 48.91 -1.93
C ASP B 31 -35.37 48.93 -1.99
N SER B 32 -34.85 50.05 -1.48
CA SER B 32 -34.27 51.08 -2.33
C SER B 32 -33.04 50.63 -3.09
N GLY B 33 -32.52 49.44 -2.85
CA GLY B 33 -31.35 48.97 -3.54
C GLY B 33 -30.06 49.62 -3.12
N ARG B 34 -30.09 50.52 -2.15
CA ARG B 34 -28.89 51.26 -1.74
C ARG B 34 -28.80 51.36 -0.21
N VAL B 35 -27.65 51.00 0.34
N VAL B 35 -27.63 50.99 0.33
CA VAL B 35 -27.41 51.22 1.76
CA VAL B 35 -27.30 51.12 1.74
C VAL B 35 -26.12 52.00 1.91
C VAL B 35 -26.09 52.04 1.85
N ASN B 36 -26.15 53.02 2.75
CA ASN B 36 -25.06 53.97 2.89
C ASN B 36 -24.06 53.62 3.98
N ARG B 37 -24.49 52.96 5.05
CA ARG B 37 -23.61 52.65 6.17
C ARG B 37 -23.84 51.23 6.68
N VAL B 38 -22.76 50.54 7.02
CA VAL B 38 -22.82 49.30 7.78
C VAL B 38 -21.74 49.39 8.86
N ILE B 39 -22.14 49.30 10.13
CA ILE B 39 -21.19 49.47 11.22
C ILE B 39 -21.31 48.30 12.19
N VAL B 40 -20.23 48.08 12.92
CA VAL B 40 -20.16 47.07 13.97
C VAL B 40 -19.73 47.79 15.24
N ARG B 41 -20.46 47.57 16.35
CA ARG B 41 -20.20 48.36 17.56
C ARG B 41 -20.42 47.54 18.83
N ASN B 42 -19.81 48.00 19.93
CA ASN B 42 -20.23 47.57 21.26
C ASN B 42 -21.66 48.07 21.52
N ILE B 43 -22.36 47.40 22.45
CA ILE B 43 -23.72 47.81 22.77
C ILE B 43 -23.73 49.17 23.46
N GLU B 44 -22.86 49.37 24.44
CA GLU B 44 -22.78 50.63 25.16
C GLU B 44 -22.46 51.81 24.29
N GLY B 45 -22.88 52.99 24.72
CA GLY B 45 -22.67 54.22 23.98
C GLY B 45 -23.98 54.80 23.46
N ALA B 46 -23.91 56.04 23.01
CA ALA B 46 -25.01 56.75 22.45
C ALA B 46 -25.46 56.14 21.13
N ASP B 47 -26.55 56.61 20.59
CA ASP B 47 -27.04 56.06 19.35
C ASP B 47 -26.10 56.18 18.18
N ASN B 48 -25.31 57.24 18.10
CA ASN B 48 -24.34 57.33 17.03
C ASN B 48 -22.97 56.83 17.35
N SER B 49 -22.81 56.08 18.42
CA SER B 49 -21.48 55.58 18.75
C SER B 49 -21.08 54.50 17.77
N THR B 50 -19.82 54.52 17.34
CA THR B 50 -19.28 53.37 16.62
C THR B 50 -18.10 52.76 17.36
N TYR B 51 -18.03 52.98 18.68
CA TYR B 51 -16.97 52.40 19.50
C TYR B 51 -17.05 50.89 19.46
N LEU B 52 -15.91 50.25 19.15
CA LEU B 52 -15.84 48.81 18.99
C LEU B 52 -14.49 48.32 19.51
N ASP B 53 -14.52 47.39 20.45
CA ASP B 53 -13.27 46.90 21.02
C ASP B 53 -13.36 45.39 21.09
N PRO B 54 -12.21 44.68 21.22
CA PRO B 54 -10.83 45.16 21.16
C PRO B 54 -10.46 45.65 19.76
N ASN B 55 -9.27 46.23 19.63
CA ASN B 55 -8.86 46.90 18.40
C ASN B 55 -8.64 45.94 17.22
N TRP B 56 -8.50 44.64 17.46
CA TRP B 56 -8.23 43.71 16.36
C TRP B 56 -9.50 43.16 15.68
N ILE B 57 -10.67 43.55 16.11
CA ILE B 57 -11.88 43.14 15.44
C ILE B 57 -12.11 44.22 14.40
N ARG B 58 -12.15 43.86 13.14
CA ARG B 58 -12.29 44.82 12.11
C ARG B 58 -13.41 44.51 11.16
N TYR B 59 -13.74 45.47 10.33
CA TYR B 59 -14.76 45.35 9.32
C TYR B 59 -14.57 46.32 8.16
N SER B 60 -15.09 45.96 7.00
CA SER B 60 -14.97 46.85 5.86
C SER B 60 -16.06 46.50 4.84
N THR B 61 -16.52 47.52 4.13
CA THR B 61 -17.54 47.35 3.11
C THR B 61 -17.11 48.12 1.87
N ASP B 62 -16.80 47.44 0.82
CA ASP B 62 -16.52 48.07 -0.43
C ASP B 62 -17.85 48.56 -1.00
N ASN B 63 -17.82 49.53 -1.84
CA ASN B 63 -19.04 49.98 -2.50
C ASN B 63 -20.20 50.44 -1.63
N LEU B 64 -19.87 50.98 -0.47
CA LEU B 64 -20.89 51.61 0.36
C LEU B 64 -21.45 52.84 -0.36
N SER B 65 -22.73 53.09 -0.12
CA SER B 65 -23.34 54.38 -0.44
C SER B 65 -23.39 54.64 -1.96
N VAL B 66 -23.72 53.62 -2.74
CA VAL B 66 -23.93 53.81 -4.19
C VAL B 66 -25.21 53.11 -4.62
N PRO B 67 -25.91 53.64 -5.62
CA PRO B 67 -27.18 53.01 -6.04
C PRO B 67 -26.98 51.56 -6.47
N GLY B 68 -27.96 50.72 -6.14
CA GLY B 68 -27.95 49.33 -6.58
C GLY B 68 -26.94 48.43 -5.90
N ASN B 69 -26.32 48.88 -4.80
CA ASN B 69 -25.26 48.11 -4.15
C ASN B 69 -25.79 47.10 -3.14
N ALA B 70 -27.08 47.14 -2.81
CA ALA B 70 -27.70 46.26 -1.81
C ALA B 70 -28.96 45.62 -2.41
N THR B 71 -28.82 44.70 -3.31
CA THR B 71 -30.02 44.12 -3.84
C THR B 71 -30.24 42.74 -3.35
N PRO B 72 -31.47 42.32 -3.39
CA PRO B 72 -31.94 41.01 -3.02
C PRO B 72 -31.93 40.06 -4.18
N ALA B 73 -30.93 40.05 -5.06
CA ALA B 73 -29.72 39.48 -4.69
C ALA B 73 -28.33 39.53 -5.33
N ASN B 74 -27.76 40.67 -5.11
CA ASN B 74 -26.37 40.90 -5.25
C ASN B 74 -26.33 41.79 -3.99
N PRO B 75 -26.48 41.17 -2.78
CA PRO B 75 -26.50 41.96 -1.56
C PRO B 75 -25.19 42.70 -1.35
N LEU B 76 -25.25 43.72 -0.49
CA LEU B 76 -24.06 44.44 -0.07
C LEU B 76 -23.29 43.59 0.94
N ARG B 77 -22.03 43.27 0.63
CA ARG B 77 -21.22 42.42 1.47
C ARG B 77 -20.31 43.27 2.36
N THR B 78 -20.32 42.97 3.66
CA THR B 78 -19.43 43.60 4.64
C THR B 78 -18.54 42.52 5.22
N ARG B 79 -17.23 42.71 5.12
CA ARG B 79 -16.29 41.74 5.64
C ARG B 79 -16.01 42.07 7.10
N VAL B 80 -16.22 41.10 7.99
CA VAL B 80 -15.81 41.22 9.39
C VAL B 80 -14.65 40.25 9.61
N TYR B 81 -13.54 40.73 10.16
CA TYR B 81 -12.32 39.94 10.11
C TYR B 81 -11.32 40.46 11.15
N GLY B 82 -10.27 39.69 11.35
CA GLY B 82 -9.24 40.07 12.30
C GLY B 82 -8.27 38.94 12.49
N ILE B 83 -7.19 39.25 13.20
CA ILE B 83 -6.23 38.26 13.66
C ILE B 83 -6.33 38.22 15.18
N VAL B 84 -6.77 37.09 15.73
CA VAL B 84 -6.89 36.97 17.20
C VAL B 84 -5.49 36.92 17.79
N PRO B 85 -5.16 37.77 18.75
CA PRO B 85 -3.79 37.78 19.28
C PRO B 85 -3.39 36.44 19.87
N ILE B 86 -2.10 36.14 19.76
CA ILE B 86 -1.54 34.83 20.07
C ILE B 86 -1.79 34.45 21.52
N ASN B 87 -1.92 35.44 22.41
N ASN B 87 -1.94 35.44 22.39
CA ASN B 87 -1.98 35.21 23.85
CA ASN B 87 -1.99 35.20 23.83
C ASN B 87 -3.35 35.53 24.41
C ASN B 87 -3.33 35.58 24.41
N HIS B 88 -4.34 35.70 23.56
CA HIS B 88 -5.69 35.96 24.03
C HIS B 88 -6.14 34.86 24.98
N GLY B 89 -6.96 35.24 25.95
CA GLY B 89 -7.58 34.25 26.80
C GLY B 89 -8.50 33.33 26.02
N VAL B 90 -8.81 32.20 26.65
CA VAL B 90 -9.49 31.13 25.95
C VAL B 90 -10.49 30.45 26.91
N GLY B 91 -10.79 31.15 28.02
CA GLY B 91 -11.77 30.69 28.97
C GLY B 91 -13.21 30.85 28.48
N PRO B 92 -14.16 30.41 29.29
CA PRO B 92 -15.58 30.53 28.89
C PRO B 92 -16.02 31.96 28.65
N GLY B 93 -15.49 32.93 29.40
CA GLY B 93 -15.80 34.33 29.23
C GLY B 93 -15.07 35.03 28.10
N ASP B 94 -14.16 34.38 27.39
CA ASP B 94 -13.44 34.99 26.27
C ASP B 94 -14.30 34.87 25.00
N ARG B 95 -15.40 35.62 25.03
N ARG B 95 -15.38 35.65 25.01
CA ARG B 95 -16.35 35.71 23.92
CA ARG B 95 -16.35 35.71 23.92
C ARG B 95 -16.79 37.17 23.86
C ARG B 95 -16.88 37.14 23.88
N TYR B 96 -17.28 37.58 22.69
CA TYR B 96 -17.78 38.94 22.49
C TYR B 96 -19.08 38.95 21.70
N THR B 97 -20.02 39.78 22.14
CA THR B 97 -21.28 40.00 21.45
C THR B 97 -21.22 41.40 20.87
N LYS B 98 -21.18 41.49 19.55
CA LYS B 98 -21.03 42.75 18.84
C LYS B 98 -22.26 42.99 17.95
N TYR B 99 -22.71 44.25 17.91
CA TYR B 99 -23.97 44.65 17.29
C TYR B 99 -23.71 45.28 15.93
N VAL B 100 -24.47 44.86 14.93
CA VAL B 100 -24.28 45.30 13.56
C VAL B 100 -25.50 46.10 13.15
N ARG B 101 -25.28 47.30 12.64
CA ARG B 101 -26.33 48.20 12.20
C ARG B 101 -26.07 48.63 10.77
N ALA B 102 -27.15 48.93 10.06
CA ALA B 102 -27.08 49.37 8.67
C ALA B 102 -28.08 50.50 8.48
N GLU B 103 -27.81 51.38 7.51
CA GLU B 103 -28.63 52.56 7.30
C GLU B 103 -28.75 52.83 5.81
N ASP B 104 -29.97 53.10 5.33
CA ASP B 104 -30.19 53.27 3.89
C ASP B 104 -29.93 54.74 3.51
N ALA B 105 -30.20 55.09 2.25
CA ALA B 105 -29.98 56.46 1.81
C ALA B 105 -30.95 57.43 2.45
N ALA B 106 -32.18 56.99 2.73
CA ALA B 106 -33.18 57.84 3.37
C ALA B 106 -32.97 58.02 4.87
N GLY B 107 -31.92 57.43 5.45
CA GLY B 107 -31.64 57.63 6.86
C GLY B 107 -32.34 56.67 7.79
N ASN B 108 -32.82 55.54 7.27
CA ASN B 108 -33.43 54.51 8.10
C ASN B 108 -32.32 53.59 8.59
N ILE B 109 -32.02 53.64 9.90
CA ILE B 109 -31.03 52.77 10.53
C ILE B 109 -31.76 51.68 11.30
N THR B 110 -31.13 50.50 11.37
CA THR B 110 -31.70 49.41 12.16
C THR B 110 -31.63 49.78 13.65
N ALA B 111 -32.65 49.40 14.40
CA ALA B 111 -32.66 49.72 15.82
C ALA B 111 -31.65 48.86 16.58
N LEU B 112 -31.11 49.43 17.65
CA LEU B 112 -30.12 48.78 18.49
C LEU B 112 -30.79 48.42 19.81
N VAL B 113 -30.90 47.12 20.09
CA VAL B 113 -31.53 46.66 21.32
C VAL B 113 -30.65 45.60 21.96
N ASP B 114 -30.30 45.83 23.22
CA ASP B 114 -29.42 44.91 23.94
C ASP B 114 -30.00 43.51 23.94
N LYS B 115 -29.16 42.54 23.55
CA LYS B 115 -29.46 41.11 23.52
C LYS B 115 -30.55 40.73 22.53
N GLN B 116 -30.98 41.64 21.65
CA GLN B 116 -32.15 41.35 20.81
C GLN B 116 -31.94 41.69 19.35
N SER B 117 -31.26 42.80 19.03
CA SER B 117 -31.12 43.22 17.64
C SER B 117 -29.95 42.48 16.98
N GLU B 118 -29.69 42.83 15.72
CA GLU B 118 -28.73 42.11 14.88
C GLU B 118 -27.33 42.14 15.51
N ARG B 119 -26.76 40.96 15.68
CA ARG B 119 -25.51 40.84 16.41
C ARG B 119 -24.89 39.48 16.12
N PHE B 120 -23.64 39.33 16.53
CA PHE B 120 -22.94 38.07 16.44
C PHE B 120 -22.12 37.87 17.70
N VAL B 121 -21.86 36.63 18.01
CA VAL B 121 -21.03 36.26 19.15
C VAL B 121 -19.73 35.71 18.58
N LEU B 122 -18.63 36.42 18.79
CA LEU B 122 -17.31 35.94 18.40
C LEU B 122 -16.70 35.21 19.59
N VAL B 123 -16.42 33.92 19.41
CA VAL B 123 -15.96 33.03 20.48
C VAL B 123 -14.51 32.67 20.22
N ILE B 124 -13.64 32.88 21.19
CA ILE B 124 -12.21 32.64 21.00
C ILE B 124 -11.87 31.27 21.58
N ARG B 125 -11.31 30.39 20.74
CA ARG B 125 -11.02 29.02 21.11
C ARG B 125 -9.57 28.68 20.84
N PRO B 126 -9.00 27.71 21.56
CA PRO B 126 -7.58 27.37 21.32
C PRO B 126 -7.42 26.57 20.03
N GLN B 127 -6.23 26.68 19.45
CA GLN B 127 -6.00 26.11 18.12
C GLN B 127 -6.19 24.61 18.11
N THR B 128 -5.90 23.92 19.22
CA THR B 128 -6.05 22.47 19.24
C THR B 128 -7.49 22.02 19.01
N GLU B 129 -8.49 22.86 19.31
CA GLU B 129 -9.86 22.47 18.99
C GLU B 129 -10.15 22.44 17.50
N LYS B 130 -9.39 23.19 16.71
CA LYS B 130 -9.60 23.21 15.27
C LYS B 130 -8.95 22.02 14.56
N TYR B 131 -7.83 21.53 15.08
CA TYR B 131 -7.02 20.55 14.38
C TYR B 131 -7.15 19.17 15.02
N THR B 132 -7.26 18.16 14.16
CA THR B 132 -7.25 16.76 14.60
C THR B 132 -6.11 16.09 13.87
N PRO B 133 -4.98 15.85 14.54
CA PRO B 133 -3.84 15.27 13.84
C PRO B 133 -4.14 13.87 13.32
N GLN B 134 -3.64 13.59 12.12
N GLN B 134 -3.67 13.60 12.10
CA GLN B 134 -3.77 12.28 11.51
CA GLN B 134 -3.77 12.28 11.48
C GLN B 134 -2.62 11.38 11.92
C GLN B 134 -2.62 11.38 11.93
N VAL B 135 -2.89 10.08 11.94
CA VAL B 135 -1.89 9.10 12.39
C VAL B 135 -0.79 8.98 11.34
N PRO B 136 0.47 8.92 11.72
CA PRO B 136 1.54 8.74 10.72
C PRO B 136 1.65 7.28 10.29
N THR B 137 2.37 7.06 9.19
CA THR B 137 2.85 5.72 8.90
C THR B 137 3.81 5.33 10.00
N LEU B 138 3.68 4.12 10.55
CA LEU B 138 4.52 3.68 11.66
C LEU B 138 5.99 3.66 11.27
N THR B 139 6.84 4.07 12.21
CA THR B 139 8.30 3.97 12.07
C THR B 139 8.81 2.76 12.86
N TYR B 140 9.52 1.86 12.18
CA TYR B 140 10.07 0.66 12.82
C TYR B 140 11.47 0.94 13.33
N VAL B 141 11.68 0.79 14.64
CA VAL B 141 12.90 1.20 15.29
C VAL B 141 13.54 0.01 15.99
N GLN B 142 14.79 0.19 16.40
CA GLN B 142 15.52 -0.89 17.08
C GLN B 142 14.95 -1.15 18.47
N ASN B 143 14.53 -0.11 19.15
CA ASN B 143 13.98 -0.23 20.47
C ASN B 143 12.97 0.87 20.65
N ALA B 144 11.70 0.56 20.61
CA ALA B 144 10.62 1.54 20.80
C ALA B 144 10.50 2.19 22.20
N ASN B 145 11.21 1.66 23.17
CA ASN B 145 11.24 2.13 24.47
C ASN B 145 12.41 3.09 24.66
N SER B 146 13.21 3.33 23.64
CA SER B 146 14.35 4.24 23.78
C SER B 146 14.78 4.65 22.37
N LEU B 147 14.10 5.66 21.82
CA LEU B 147 14.38 6.11 20.46
C LEU B 147 15.69 6.86 20.38
N THR B 148 16.43 6.65 19.28
CA THR B 148 17.54 7.51 18.96
C THR B 148 17.04 8.86 18.44
N GLN B 149 17.95 9.82 18.32
CA GLN B 149 17.61 11.08 17.69
C GLN B 149 17.16 10.86 16.25
N THR B 150 17.88 9.99 15.52
CA THR B 150 17.48 9.64 14.17
C THR B 150 16.06 9.09 14.14
N ASP B 151 15.74 8.19 15.08
CA ASP B 151 14.38 7.69 15.23
C ASP B 151 13.38 8.83 15.38
N LYS B 152 13.63 9.72 16.34
CA LYS B 152 12.73 10.84 16.57
C LYS B 152 12.56 11.69 15.31
N ASP B 153 13.65 11.97 14.60
CA ASP B 153 13.52 12.77 13.39
C ASP B 153 12.63 12.08 12.37
N ALA B 154 12.73 10.75 12.26
CA ALA B 154 11.91 10.03 11.29
C ALA B 154 10.43 10.04 11.69
N VAL B 155 10.15 9.95 12.99
CA VAL B 155 8.76 10.05 13.44
C VAL B 155 8.18 11.43 13.14
N ILE B 156 8.91 12.48 13.52
CA ILE B 156 8.48 13.86 13.22
C ILE B 156 8.21 14.02 11.72
N ALA B 157 9.17 13.60 10.89
CA ALA B 157 8.99 13.71 9.45
C ALA B 157 7.73 12.99 8.99
N ALA B 158 7.44 11.83 9.57
CA ALA B 158 6.25 11.09 9.17
C ALA B 158 4.98 11.76 9.70
N VAL B 159 5.06 12.42 10.85
CA VAL B 159 3.88 13.14 11.35
C VAL B 159 3.58 14.32 10.43
N LYS B 160 4.60 15.07 10.03
CA LYS B 160 4.38 16.21 9.15
C LYS B 160 3.81 15.76 7.82
N SER B 161 4.40 14.71 7.24
CA SER B 161 3.91 14.16 5.98
C SER B 161 2.42 13.82 6.03
N ALA B 162 1.94 13.27 7.14
CA ALA B 162 0.54 12.91 7.24
C ALA B 162 -0.34 14.07 7.70
N ASN B 163 0.24 15.23 8.00
CA ASN B 163 -0.54 16.35 8.53
C ASN B 163 -0.16 17.64 7.84
N PRO B 164 -0.34 17.73 6.51
CA PRO B 164 0.07 18.94 5.80
C PRO B 164 -0.76 20.16 6.15
N ASN B 165 -1.97 19.97 6.67
CA ASN B 165 -2.86 21.07 6.98
C ASN B 165 -2.80 21.54 8.43
N LEU B 166 -1.89 21.00 9.24
CA LEU B 166 -1.63 21.62 10.53
C LEU B 166 -0.84 22.90 10.30
N PRO B 167 -0.89 23.84 11.25
CA PRO B 167 -0.20 25.13 11.04
C PRO B 167 1.28 24.94 10.81
N ALA B 168 1.81 25.64 9.79
CA ALA B 168 3.20 25.48 9.40
C ALA B 168 4.17 25.74 10.54
N THR B 169 3.81 26.60 11.48
CA THR B 169 4.72 26.94 12.57
C THR B 169 4.46 26.12 13.83
N SER B 170 3.71 25.03 13.73
CA SER B 170 3.59 24.09 14.85
C SER B 170 4.94 23.44 15.11
N THR B 171 5.21 23.13 16.36
CA THR B 171 6.45 22.43 16.68
C THR B 171 6.15 21.02 17.15
N TYR B 172 7.15 20.15 17.05
CA TYR B 172 6.98 18.73 17.32
C TYR B 172 8.07 18.25 18.26
N SER B 173 7.67 17.47 19.27
CA SER B 173 8.57 16.86 20.24
C SER B 173 8.22 15.38 20.36
N VAL B 174 9.25 14.52 20.35
CA VAL B 174 9.05 13.07 20.43
C VAL B 174 9.69 12.57 21.72
N SER B 175 8.96 11.81 22.48
CA SER B 175 9.48 11.31 23.72
C SER B 175 10.38 10.12 23.53
N GLU B 176 10.87 9.60 24.62
CA GLU B 176 11.74 8.45 24.60
C GLU B 176 11.11 7.23 24.00
N ASN B 177 9.83 7.04 24.25
CA ASN B 177 9.08 5.96 23.73
C ASN B 177 8.30 6.30 22.47
N GLY B 178 8.52 7.47 21.91
CA GLY B 178 7.86 7.82 20.67
C GLY B 178 6.50 8.48 20.79
N THR B 179 6.11 8.93 21.99
CA THR B 179 4.90 9.74 22.10
C THR B 179 5.18 11.11 21.47
N VAL B 180 4.31 11.54 20.56
CA VAL B 180 4.49 12.83 19.89
C VAL B 180 3.60 13.88 20.55
N THR B 181 4.21 14.99 20.94
CA THR B 181 3.50 16.17 21.41
C THR B 181 3.61 17.23 20.34
N ILE B 182 2.48 17.62 19.79
CA ILE B 182 2.40 18.71 18.82
C ILE B 182 2.02 19.98 19.59
N THR B 183 2.84 21.02 19.46
CA THR B 183 2.52 22.31 20.07
C THR B 183 2.14 23.29 18.97
N TYR B 184 0.89 23.77 19.00
CA TYR B 184 0.42 24.73 18.01
C TYR B 184 0.97 26.12 18.30
N PRO B 185 0.88 27.04 17.34
CA PRO B 185 1.45 28.38 17.56
C PRO B 185 0.90 29.10 18.79
N ASP B 186 -0.34 28.84 19.21
CA ASP B 186 -0.85 29.48 20.42
C ASP B 186 -0.45 28.76 21.70
N GLY B 187 0.36 27.70 21.60
CA GLY B 187 0.82 26.99 22.78
C GLY B 187 -0.09 25.89 23.25
N SER B 188 -1.25 25.71 22.63
CA SER B 188 -2.05 24.55 22.94
C SER B 188 -1.47 23.34 22.21
N THR B 189 -1.88 22.15 22.63
CA THR B 189 -1.17 20.94 22.22
C THR B 189 -2.13 19.84 21.79
N ASP B 190 -1.59 18.92 20.99
CA ASP B 190 -2.17 17.61 20.72
C ASP B 190 -1.10 16.55 20.97
N THR B 191 -1.54 15.33 21.22
CA THR B 191 -0.67 14.20 21.52
C THR B 191 -1.01 13.06 20.56
N ILE B 192 0.02 12.36 20.08
CA ILE B 192 -0.15 11.13 19.31
C ILE B 192 0.55 10.02 20.08
N ALA B 193 -0.22 8.99 20.46
CA ALA B 193 0.28 7.94 21.33
C ALA B 193 1.40 7.14 20.66
N ALA B 194 2.33 6.65 21.49
CA ALA B 194 3.46 5.91 20.95
C ALA B 194 3.02 4.71 20.11
N ALA B 195 1.92 4.07 20.49
CA ALA B 195 1.45 2.90 19.76
C ALA B 195 1.12 3.22 18.32
N GLN B 196 0.80 4.48 18.01
CA GLN B 196 0.48 4.86 16.64
C GLN B 196 1.66 5.49 15.93
N THR B 197 2.83 5.55 16.57
CA THR B 197 3.98 6.17 15.93
C THR B 197 5.12 5.18 15.65
N VAL B 198 5.39 4.26 16.56
CA VAL B 198 6.58 3.43 16.45
C VAL B 198 6.29 1.99 16.86
N ASP B 199 7.08 1.07 16.30
CA ASP B 199 7.09 -0.31 16.73
C ASP B 199 8.52 -0.80 16.72
N THR B 200 8.84 -1.73 17.63
N THR B 200 8.84 -1.74 17.64
CA THR B 200 10.15 -2.37 17.59
CA THR B 200 10.13 -2.40 17.62
C THR B 200 10.18 -3.36 16.44
C THR B 200 10.20 -3.39 16.47
N ASP B 201 11.22 -3.26 15.64
CA ASP B 201 11.38 -4.13 14.52
C ASP B 201 11.86 -5.47 14.99
N ARG B 202 11.07 -6.47 14.75
N ARG B 202 11.05 -6.46 14.75
CA ARG B 202 11.41 -7.80 15.18
CA ARG B 202 11.31 -7.83 15.17
C ARG B 202 11.39 -8.85 14.05
C ARG B 202 11.34 -8.86 14.04
N VAL B 203 11.32 -8.43 12.80
CA VAL B 203 11.37 -9.32 11.65
C VAL B 203 12.40 -8.87 10.60
N ALA B 204 13.27 -9.77 10.23
CA ALA B 204 14.41 -9.45 9.36
C ALA B 204 13.96 -9.33 7.90
N PRO B 205 14.83 -8.84 7.02
CA PRO B 205 14.44 -8.70 5.62
C PRO B 205 14.17 -10.06 4.97
N VAL B 206 13.49 -10.03 3.84
CA VAL B 206 13.14 -11.22 3.09
C VAL B 206 13.83 -11.19 1.73
N PHE B 207 14.52 -12.30 1.40
CA PHE B 207 15.14 -12.50 0.09
C PHE B 207 14.09 -13.15 -0.81
N VAL B 208 13.52 -12.36 -1.73
CA VAL B 208 12.44 -12.88 -2.58
C VAL B 208 12.91 -14.11 -3.33
N ASP B 209 14.06 -14.04 -3.95
CA ASP B 209 14.55 -15.12 -4.76
C ASP B 209 15.27 -16.27 -4.08
N GLU B 210 14.77 -16.70 -2.93
CA GLU B 210 15.38 -17.81 -2.24
C GLU B 210 15.29 -19.04 -3.09
N GLY B 211 16.39 -19.75 -3.16
CA GLY B 211 16.45 -20.97 -3.91
C GLY B 211 16.57 -20.85 -5.39
N ARG B 212 16.47 -19.66 -5.92
CA ARG B 212 16.55 -19.51 -7.34
C ARG B 212 17.86 -19.89 -8.00
N ASP B 213 17.72 -20.46 -9.17
CA ASP B 213 18.84 -20.82 -9.98
C ASP B 213 18.86 -19.90 -11.19
N TYR B 214 19.94 -19.19 -11.36
CA TYR B 214 20.13 -18.25 -12.46
C TYR B 214 21.08 -18.88 -13.49
N ILE B 215 20.64 -18.96 -14.75
CA ILE B 215 21.43 -19.60 -15.79
C ILE B 215 22.37 -18.58 -16.41
N PHE B 216 23.66 -18.92 -16.48
CA PHE B 216 24.65 -18.14 -17.19
C PHE B 216 25.24 -19.03 -18.28
N TYR B 217 25.23 -18.56 -19.52
CA TYR B 217 25.83 -19.31 -20.62
C TYR B 217 27.31 -18.96 -20.69
N ARG B 218 28.15 -19.99 -20.66
CA ARG B 218 29.59 -19.77 -20.78
C ARG B 218 29.91 -18.89 -21.99
N GLY B 219 30.78 -17.91 -21.77
CA GLY B 219 31.24 -17.01 -22.80
C GLY B 219 30.28 -15.91 -23.19
N GLU B 220 29.13 -15.79 -22.53
CA GLU B 220 28.16 -14.76 -22.84
C GLU B 220 27.81 -14.02 -21.56
N GLU B 221 27.97 -12.70 -21.58
CA GLU B 221 27.65 -11.92 -20.39
C GLU B 221 26.19 -12.12 -20.01
N GLY B 222 25.95 -12.44 -18.74
CA GLY B 222 24.60 -12.52 -18.23
C GLY B 222 24.43 -11.67 -16.98
N THR B 223 23.16 -11.48 -16.60
CA THR B 223 22.84 -10.81 -15.36
C THR B 223 21.90 -11.67 -14.54
N ALA B 224 21.97 -11.51 -13.23
CA ALA B 224 21.01 -12.06 -12.29
C ALA B 224 20.48 -10.93 -11.43
N GLU B 225 19.15 -10.80 -11.37
CA GLU B 225 18.51 -9.76 -10.58
C GLU B 225 17.93 -10.37 -9.31
N LEU B 226 18.45 -9.95 -8.17
CA LEU B 226 18.04 -10.44 -6.85
C LEU B 226 17.21 -9.35 -6.18
N HIS B 227 16.17 -9.76 -5.45
CA HIS B 227 15.18 -8.84 -4.90
C HIS B 227 15.03 -9.07 -3.40
N PHE B 228 14.88 -7.98 -2.65
CA PHE B 228 14.74 -8.03 -1.20
C PHE B 228 13.72 -7.00 -0.74
N TYR B 229 13.04 -7.31 0.36
CA TYR B 229 12.22 -6.29 1.03
C TYR B 229 12.27 -6.51 2.52
N ASP B 230 11.85 -5.49 3.26
CA ASP B 230 11.78 -5.55 4.71
C ASP B 230 10.47 -4.91 5.16
N ASN B 231 9.94 -5.38 6.30
CA ASN B 231 8.72 -4.79 6.83
C ASN B 231 8.89 -3.29 7.02
N SER B 232 10.08 -2.84 7.45
CA SER B 232 10.33 -1.41 7.66
C SER B 232 10.38 -0.64 6.34
N GLY B 233 10.37 -1.33 5.21
CA GLY B 233 10.53 -0.66 3.94
C GLY B 233 11.95 -0.28 3.59
N LYS B 234 12.93 -0.62 4.43
CA LYS B 234 14.30 -0.18 4.23
C LYS B 234 15.29 -1.28 4.58
N ILE B 235 16.29 -1.47 3.72
CA ILE B 235 17.42 -2.37 3.94
C ILE B 235 18.69 -1.54 3.87
N THR B 236 19.61 -1.77 4.81
CA THR B 236 20.88 -1.03 4.82
C THR B 236 22.06 -1.83 4.27
N ASN B 237 21.99 -3.15 4.26
CA ASN B 237 23.15 -3.95 3.84
C ASN B 237 22.70 -5.25 3.19
N VAL B 238 23.33 -5.59 2.07
CA VAL B 238 23.20 -6.88 1.40
C VAL B 238 24.58 -7.51 1.39
N ASN B 239 24.69 -8.74 1.90
CA ASN B 239 26.00 -9.34 2.12
C ASN B 239 26.01 -10.78 1.65
N PHE B 240 26.99 -11.13 0.83
CA PHE B 240 27.14 -12.46 0.29
C PHE B 240 28.25 -13.30 0.94
N ALA B 241 28.91 -12.75 1.95
CA ALA B 241 30.00 -13.44 2.63
C ALA B 241 29.77 -13.80 4.09
N GLY B 242 28.74 -14.56 4.40
CA GLY B 242 28.53 -14.94 5.79
C GLY B 242 29.56 -15.91 6.33
N ASP B 243 29.43 -17.17 5.96
CA ASP B 243 30.33 -18.22 6.37
C ASP B 243 31.52 -18.31 5.46
N LEU B 244 32.40 -19.22 5.78
CA LEU B 244 33.58 -19.37 5.00
C LEU B 244 33.27 -19.74 3.58
N ALA B 245 32.38 -20.70 3.42
CA ALA B 245 32.07 -21.20 2.07
C ALA B 245 31.44 -20.12 1.21
N ALA B 246 30.49 -19.37 1.77
CA ALA B 246 29.81 -18.32 1.01
C ALA B 246 30.79 -17.21 0.63
N SER B 247 31.67 -16.84 1.56
CA SER B 247 32.73 -15.88 1.25
C SER B 247 33.62 -16.38 0.12
N SER B 248 33.83 -17.69 0.05
CA SER B 248 34.72 -18.25 -0.96
C SER B 248 34.11 -18.13 -2.35
N THR B 249 32.85 -18.55 -2.50
CA THR B 249 32.23 -18.52 -3.82
C THR B 249 31.97 -17.08 -4.27
N TYR B 250 31.63 -16.19 -3.34
CA TYR B 250 31.45 -14.78 -3.68
C TYR B 250 32.74 -14.17 -4.22
N ASN B 251 33.85 -14.41 -3.52
CA ASN B 251 35.15 -13.92 -3.99
C ASN B 251 35.54 -14.56 -5.33
N THR B 252 35.22 -15.83 -5.53
CA THR B 252 35.52 -16.46 -6.81
C THR B 252 34.82 -15.74 -7.95
N LEU B 253 33.55 -15.36 -7.74
CA LEU B 253 32.81 -14.62 -8.75
C LEU B 253 33.41 -13.24 -8.99
N LEU B 254 33.83 -12.55 -7.93
CA LEU B 254 34.50 -11.26 -8.09
C LEU B 254 35.79 -11.44 -8.86
N GLY B 255 36.51 -12.53 -8.61
CA GLY B 255 37.74 -12.79 -9.31
C GLY B 255 37.55 -13.12 -10.78
N LEU B 256 36.38 -13.61 -11.16
CA LEU B 256 36.04 -13.74 -12.58
C LEU B 256 35.64 -12.43 -13.21
N GLY B 257 35.65 -11.34 -12.43
CA GLY B 257 35.29 -10.05 -12.96
C GLY B 257 33.82 -9.70 -12.88
N PHE B 258 33.05 -10.40 -12.05
CA PHE B 258 31.64 -10.09 -11.86
C PHE B 258 31.50 -8.85 -10.98
N THR B 259 30.42 -8.12 -11.18
CA THR B 259 30.08 -7.01 -10.32
C THR B 259 28.74 -7.28 -9.62
N PHE B 260 28.58 -6.69 -8.43
CA PHE B 260 27.37 -6.77 -7.62
C PHE B 260 26.94 -5.32 -7.36
N ASN B 261 25.95 -4.83 -8.07
CA ASN B 261 25.48 -3.46 -7.87
C ASN B 261 24.12 -3.47 -7.19
N THR B 262 24.03 -2.75 -6.09
CA THR B 262 22.77 -2.44 -5.41
C THR B 262 22.67 -0.93 -5.32
N PRO B 263 22.17 -0.27 -6.37
CA PRO B 263 22.31 1.20 -6.45
C PRO B 263 21.45 1.98 -5.47
N ASN B 264 20.30 1.46 -5.04
CA ASN B 264 19.44 2.19 -4.11
C ASN B 264 19.69 1.82 -2.65
N ILE B 265 20.82 1.18 -2.35
CA ILE B 265 20.97 0.60 -1.02
C ILE B 265 21.18 1.65 0.07
N ASN B 266 21.41 2.91 -0.28
CA ASN B 266 21.58 3.93 0.75
C ASN B 266 20.41 4.90 0.82
N ASN B 267 19.41 4.77 -0.07
CA ASN B 267 18.23 5.62 -0.09
C ASN B 267 17.19 5.13 0.91
N PRO B 268 16.27 5.99 1.34
CA PRO B 268 15.17 5.54 2.20
C PRO B 268 14.06 4.88 1.39
N ASN B 269 13.24 4.08 2.08
CA ASN B 269 12.08 3.42 1.49
C ASN B 269 12.48 2.58 0.28
N ASN B 270 13.65 1.95 0.35
CA ASN B 270 14.23 1.29 -0.80
C ASN B 270 13.86 -0.19 -0.93
N ALA B 271 13.06 -0.73 -0.02
CA ALA B 271 12.84 -2.18 -0.01
C ALA B 271 11.42 -2.53 0.47
N THR B 272 10.41 -2.12 -0.27
CA THR B 272 9.05 -2.55 0.01
C THR B 272 8.69 -3.78 -0.83
N GLU B 273 7.56 -4.41 -0.49
CA GLU B 273 7.13 -5.56 -1.28
C GLU B 273 6.74 -5.14 -2.69
N GLN B 274 6.03 -4.02 -2.82
CA GLN B 274 5.66 -3.54 -4.15
C GLN B 274 6.87 -3.04 -4.92
N ASN B 275 7.89 -2.55 -4.21
CA ASN B 275 9.07 -1.96 -4.84
C ASN B 275 10.31 -2.42 -4.08
N PRO B 276 10.80 -3.63 -4.38
CA PRO B 276 11.89 -4.21 -3.58
C PRO B 276 13.25 -3.65 -3.97
N LEU B 277 14.22 -3.89 -3.07
CA LEU B 277 15.60 -3.57 -3.36
C LEU B 277 16.19 -4.61 -4.30
N VAL B 278 16.83 -4.17 -5.37
CA VAL B 278 17.35 -5.05 -6.41
C VAL B 278 18.87 -5.01 -6.41
N THR B 279 19.48 -6.18 -6.28
CA THR B 279 20.90 -6.38 -6.51
C THR B 279 21.05 -7.03 -7.88
N THR B 280 21.93 -6.46 -8.70
CA THR B 280 22.19 -7.00 -10.04
C THR B 280 23.60 -7.56 -10.10
N ILE B 281 23.70 -8.83 -10.36
CA ILE B 281 24.95 -9.49 -10.53
C ILE B 281 25.24 -9.61 -12.03
N ARG B 282 26.42 -9.24 -12.45
CA ARG B 282 26.76 -9.23 -13.84
C ARG B 282 28.15 -9.73 -14.16
N GLY B 283 28.26 -10.49 -15.21
CA GLY B 283 29.56 -11.01 -15.59
C GLY B 283 29.44 -12.10 -16.64
N THR B 284 30.59 -12.66 -16.98
CA THR B 284 30.70 -13.75 -17.93
C THR B 284 31.33 -14.94 -17.24
N ILE B 285 30.67 -16.09 -17.28
CA ILE B 285 31.38 -17.30 -16.91
C ILE B 285 32.26 -17.65 -18.09
N PRO B 286 33.57 -17.74 -17.91
CA PRO B 286 34.46 -18.08 -19.02
C PRO B 286 34.37 -19.57 -19.34
N LYS B 287 34.70 -19.90 -20.60
CA LYS B 287 34.61 -21.30 -21.03
C LYS B 287 35.52 -22.23 -20.22
N SER B 288 36.38 -21.68 -19.35
CA SER B 288 37.33 -22.48 -18.57
C SER B 288 36.65 -23.37 -17.54
N LEU B 289 35.43 -23.04 -17.11
N LEU B 289 35.46 -23.00 -17.05
CA LEU B 289 34.77 -23.97 -16.20
CA LEU B 289 34.84 -24.03 -16.23
C LEU B 289 33.68 -24.72 -16.95
C LEU B 289 33.76 -24.74 -17.02
N PRO B 290 33.60 -26.05 -16.81
CA PRO B 290 32.58 -26.81 -17.56
C PRO B 290 31.19 -26.74 -16.96
N ALA B 291 30.20 -26.86 -17.84
CA ALA B 291 28.85 -27.16 -17.40
C ALA B 291 28.76 -28.63 -16.99
N GLY B 292 27.75 -28.94 -16.18
CA GLY B 292 27.55 -30.30 -15.73
C GLY B 292 27.10 -30.38 -14.29
N PRO B 293 27.44 -31.48 -13.61
CA PRO B 293 27.06 -31.61 -12.19
C PRO B 293 27.90 -30.76 -11.25
N GLY B 294 29.10 -30.37 -11.66
CA GLY B 294 29.93 -29.47 -10.87
C GLY B 294 30.07 -28.08 -11.45
N GLY B 295 29.38 -27.77 -12.54
CA GLY B 295 29.37 -26.42 -13.07
C GLY B 295 28.27 -25.56 -12.51
N LYS B 296 28.28 -25.37 -11.19
CA LYS B 296 27.26 -24.61 -10.47
C LYS B 296 27.95 -23.90 -9.31
N TYR B 297 27.68 -22.61 -9.16
CA TYR B 297 28.11 -21.84 -8.01
C TYR B 297 26.94 -21.68 -7.07
N THR B 298 27.13 -22.01 -5.80
CA THR B 298 26.10 -21.89 -4.78
C THR B 298 26.47 -20.77 -3.81
N PHE B 299 25.57 -19.80 -3.66
CA PHE B 299 25.81 -18.61 -2.87
C PHE B 299 24.90 -18.58 -1.65
N LYS B 300 25.28 -17.78 -0.66
CA LYS B 300 24.41 -17.45 0.46
C LYS B 300 24.38 -15.93 0.60
N VAL B 301 23.19 -15.38 0.79
CA VAL B 301 23.04 -13.93 0.86
C VAL B 301 22.27 -13.56 2.13
N ARG B 302 22.70 -12.46 2.75
CA ARG B 302 22.07 -11.89 3.94
C ARG B 302 21.73 -10.42 3.68
N ALA B 303 20.60 -9.98 4.19
CA ALA B 303 20.23 -8.58 4.19
C ALA B 303 19.91 -8.15 5.62
N THR B 304 20.32 -6.94 5.98
CA THR B 304 20.00 -6.36 7.28
C THR B 304 19.25 -5.05 7.13
N ASP B 305 18.34 -4.79 8.07
CA ASP B 305 17.56 -3.56 8.06
C ASP B 305 18.25 -2.51 8.94
N ALA B 306 17.67 -1.31 8.97
CA ALA B 306 18.27 -0.21 9.71
C ALA B 306 18.27 -0.44 11.22
N SER B 307 17.40 -1.32 11.71
CA SER B 307 17.40 -1.62 13.14
C SER B 307 18.40 -2.72 13.50
N GLY B 308 19.08 -3.29 12.52
CA GLY B 308 20.11 -4.27 12.76
C GLY B 308 19.70 -5.72 12.68
N LEU B 309 18.48 -6.01 12.25
CA LEU B 309 18.09 -7.40 12.03
C LEU B 309 18.66 -7.89 10.71
N THR B 310 19.37 -9.01 10.75
CA THR B 310 19.94 -9.67 9.57
C THR B 310 19.20 -10.97 9.32
N SER B 311 18.83 -11.20 8.06
CA SER B 311 18.08 -12.41 7.75
C SER B 311 18.98 -13.65 7.88
N GLU B 312 18.34 -14.82 7.94
CA GLU B 312 19.09 -16.07 7.88
C GLU B 312 19.59 -16.30 6.45
N ALA B 313 20.86 -16.67 6.33
CA ALA B 313 21.50 -16.85 5.02
C ALA B 313 20.70 -17.79 4.11
N LYS B 314 20.17 -17.25 3.02
N LYS B 314 20.18 -17.27 3.01
CA LYS B 314 19.40 -18.02 2.06
CA LYS B 314 19.41 -18.05 2.07
C LYS B 314 20.23 -18.28 0.80
C LYS B 314 20.20 -18.27 0.78
N ILE B 315 19.93 -19.39 0.12
CA ILE B 315 20.70 -19.84 -1.04
C ILE B 315 20.12 -19.28 -2.32
N PHE B 316 21.01 -18.95 -3.26
CA PHE B 316 20.67 -18.90 -4.68
C PHE B 316 21.85 -19.49 -5.43
N ARG B 317 21.64 -19.81 -6.70
CA ARG B 317 22.71 -20.44 -7.45
C ARG B 317 22.82 -19.83 -8.84
N ILE B 318 24.04 -19.89 -9.39
CA ILE B 318 24.31 -19.63 -10.79
C ILE B 318 24.68 -20.97 -11.43
N VAL B 319 23.96 -21.34 -12.48
CA VAL B 319 24.13 -22.63 -13.13
C VAL B 319 24.71 -22.40 -14.51
N PHE B 320 25.78 -23.13 -14.84
CA PHE B 320 26.46 -22.92 -16.10
C PHE B 320 25.76 -23.72 -17.20
N ALA B 321 25.73 -23.14 -18.38
CA ALA B 321 25.14 -23.78 -19.53
C ALA B 321 25.94 -23.60 -20.79
N ASN B 322 25.98 -24.62 -21.61
CA ASN B 322 26.70 -24.52 -22.84
C ASN B 322 25.89 -23.69 -23.80
N GLN B 323 26.51 -22.95 -24.67
CA GLN B 323 25.77 -22.16 -25.60
C GLN B 323 24.87 -22.96 -26.53
N THR B 324 25.18 -24.19 -26.80
CA THR B 324 24.29 -24.95 -27.67
C THR B 324 22.91 -25.13 -27.06
N ASP B 325 22.80 -25.10 -25.72
CA ASP B 325 21.50 -25.15 -25.07
C ASP B 325 20.63 -23.97 -25.47
N LYS B 326 21.22 -22.90 -25.98
CA LYS B 326 20.53 -21.66 -26.30
C LYS B 326 20.27 -21.50 -27.79
N TYR B 327 20.96 -22.26 -28.64
CA TYR B 327 20.92 -22.05 -30.09
C TYR B 327 20.43 -23.29 -30.81
N THR B 328 19.76 -23.03 -31.94
CA THR B 328 19.34 -24.05 -32.90
C THR B 328 19.82 -23.61 -34.28
N PRO B 329 20.70 -24.35 -34.94
CA PRO B 329 21.17 -23.94 -36.27
C PRO B 329 20.05 -23.90 -37.30
N ASN B 330 20.09 -22.89 -38.17
CA ASN B 330 19.27 -22.91 -39.37
C ASN B 330 19.93 -23.77 -40.44
N ASN B 331 19.09 -24.44 -41.25
CA ASN B 331 19.55 -25.24 -42.36
C ASN B 331 19.91 -24.35 -43.55
N PRO B 332 20.82 -24.80 -44.41
CA PRO B 332 21.24 -23.95 -45.53
C PRO B 332 20.09 -23.73 -46.50
N GLY B 333 20.15 -22.59 -47.19
CA GLY B 333 19.08 -22.21 -48.10
C GLY B 333 18.98 -23.09 -49.32
N SER B 334 20.02 -23.84 -49.63
CA SER B 334 19.95 -24.82 -50.71
C SER B 334 20.91 -25.95 -50.36
N LEU B 335 20.66 -27.10 -50.96
CA LEU B 335 21.60 -28.21 -50.87
C LEU B 335 22.77 -27.98 -51.82
N THR B 336 23.83 -28.72 -51.59
CA THR B 336 25.02 -28.67 -52.37
C THR B 336 25.22 -30.00 -53.05
N GLY B 337 25.37 -29.98 -54.34
CA GLY B 337 25.58 -31.19 -55.05
C GLY B 337 26.90 -31.80 -54.68
N VAL B 338 26.91 -33.11 -54.54
CA VAL B 338 28.10 -33.86 -54.23
C VAL B 338 28.21 -35.11 -55.10
N LEU B 339 29.39 -35.39 -55.59
CA LEU B 339 29.61 -36.53 -56.45
C LEU B 339 29.64 -37.86 -55.72
N ASN B 340 30.20 -37.87 -54.53
CA ASN B 340 30.30 -39.07 -53.71
C ASN B 340 29.78 -38.68 -52.34
N PRO B 341 28.52 -38.99 -52.03
CA PRO B 341 27.97 -38.56 -50.74
C PRO B 341 28.65 -39.21 -49.54
N GLN B 342 29.52 -40.20 -49.75
CA GLN B 342 30.33 -40.76 -48.66
C GLN B 342 31.66 -40.06 -48.48
N GLN B 343 32.15 -39.31 -49.48
CA GLN B 343 33.46 -38.66 -49.39
C GLN B 343 33.35 -37.33 -50.11
N LEU B 344 33.00 -36.29 -49.36
CA LEU B 344 32.94 -34.96 -49.94
C LEU B 344 34.33 -34.47 -50.31
N SER B 345 34.42 -33.79 -51.44
CA SER B 345 35.64 -33.13 -51.83
C SER B 345 35.81 -31.84 -51.05
N THR B 346 37.03 -31.30 -51.08
CA THR B 346 37.30 -30.07 -50.35
C THR B 346 36.41 -28.92 -50.85
N SER B 347 36.19 -28.84 -52.16
CA SER B 347 35.37 -27.75 -52.68
C SER B 347 33.88 -27.96 -52.37
N GLU B 348 33.43 -29.20 -52.27
CA GLU B 348 32.06 -29.43 -51.82
C GLU B 348 31.88 -28.98 -50.38
N LYS B 349 32.84 -29.33 -49.53
CA LYS B 349 32.74 -28.91 -48.13
C LYS B 349 32.72 -27.38 -48.00
N THR B 350 33.57 -26.67 -48.76
CA THR B 350 33.60 -25.21 -48.64
C THR B 350 32.26 -24.58 -49.06
N ALA B 351 31.64 -25.13 -50.11
CA ALA B 351 30.36 -24.56 -50.56
C ALA B 351 29.28 -24.74 -49.50
N ILE B 352 29.23 -25.92 -48.88
CA ILE B 352 28.29 -26.16 -47.78
C ILE B 352 28.55 -25.20 -46.63
N GLU B 353 29.80 -25.14 -46.18
CA GLU B 353 30.17 -24.22 -45.10
C GLU B 353 29.67 -22.81 -45.38
N GLU B 354 29.90 -22.32 -46.60
CA GLU B 354 29.40 -21.01 -47.03
C GLU B 354 27.89 -20.86 -46.78
N LYS B 355 27.12 -21.84 -47.24
CA LYS B 355 25.67 -21.74 -47.15
C LYS B 355 25.19 -21.86 -45.70
N VAL B 356 25.84 -22.69 -44.89
CA VAL B 356 25.40 -22.83 -43.51
C VAL B 356 25.66 -21.53 -42.75
N ARG B 357 26.83 -20.92 -42.96
N ARG B 357 26.83 -20.92 -42.97
CA ARG B 357 27.12 -19.66 -42.29
CA ARG B 357 27.14 -19.67 -42.30
C ARG B 357 26.17 -18.56 -42.73
C ARG B 357 26.18 -18.57 -42.74
N ALA B 358 25.88 -18.49 -44.04
CA ALA B 358 24.94 -17.49 -44.53
C ALA B 358 23.55 -17.68 -43.92
N ALA B 359 23.08 -18.92 -43.86
CA ALA B 359 21.77 -19.21 -43.28
C ALA B 359 21.68 -18.88 -41.79
N ASN B 360 22.78 -18.72 -41.12
CA ASN B 360 22.78 -18.48 -39.72
C ASN B 360 23.31 -17.16 -39.27
N THR B 361 23.37 -16.20 -40.16
CA THR B 361 23.91 -14.92 -39.81
C THR B 361 23.29 -14.20 -38.66
N GLY B 362 22.02 -13.90 -38.72
CA GLY B 362 21.44 -13.20 -37.62
C GLY B 362 20.87 -14.15 -36.62
N ASN B 363 21.48 -15.31 -36.47
CA ASN B 363 20.92 -16.31 -35.58
C ASN B 363 21.97 -16.86 -34.63
N LEU B 364 22.97 -17.55 -35.16
CA LEU B 364 24.06 -18.12 -34.38
C LEU B 364 25.14 -17.06 -34.13
N PRO B 365 25.99 -17.25 -33.13
CA PRO B 365 27.11 -16.32 -32.93
C PRO B 365 27.91 -16.14 -34.21
N ASN B 366 28.29 -14.89 -34.48
N ASN B 366 28.31 -14.92 -34.45
CA ASN B 366 29.08 -14.63 -35.69
CA ASN B 366 29.06 -14.57 -35.60
C ASN B 366 30.37 -15.42 -35.71
C ASN B 366 30.39 -15.35 -35.67
N ASN B 367 30.88 -15.83 -34.54
CA ASN B 367 32.14 -16.55 -34.44
C ASN B 367 31.96 -18.04 -34.14
N VAL B 368 30.82 -18.62 -34.52
CA VAL B 368 30.71 -20.08 -34.56
C VAL B 368 31.64 -20.62 -35.65
N GLN B 369 32.08 -21.87 -35.48
CA GLN B 369 32.83 -22.59 -36.50
C GLN B 369 32.04 -23.80 -37.00
N TYR B 370 32.06 -24.00 -38.31
CA TYR B 370 31.37 -25.11 -38.96
C TYR B 370 32.39 -26.11 -39.47
N VAL B 371 32.28 -27.36 -39.02
CA VAL B 371 33.11 -28.45 -39.53
C VAL B 371 32.25 -29.32 -40.44
N VAL B 372 32.56 -29.33 -41.73
CA VAL B 372 31.85 -30.17 -42.68
C VAL B 372 32.55 -31.52 -42.72
N ASN B 373 31.87 -32.55 -42.25
CA ASN B 373 32.45 -33.88 -42.16
C ASN B 373 32.48 -34.56 -43.54
N ASN B 374 33.18 -35.71 -43.59
CA ASN B 374 33.32 -36.47 -44.83
C ASN B 374 31.96 -36.87 -45.42
N ASP B 375 30.96 -37.08 -44.56
CA ASP B 375 29.64 -37.47 -45.06
C ASP B 375 28.74 -36.28 -45.32
N GLY B 376 29.27 -35.05 -45.28
CA GLY B 376 28.47 -33.88 -45.51
C GLY B 376 27.65 -33.40 -44.32
N SER B 377 27.59 -34.16 -43.23
CA SER B 377 27.05 -33.59 -42.02
C SER B 377 27.94 -32.42 -41.56
N VAL B 378 27.38 -31.54 -40.74
CA VAL B 378 28.07 -30.33 -40.32
C VAL B 378 28.10 -30.33 -38.81
N THR B 379 29.31 -30.27 -38.25
CA THR B 379 29.46 -30.05 -36.81
C THR B 379 29.52 -28.54 -36.57
N VAL B 380 28.61 -28.06 -35.75
CA VAL B 380 28.54 -26.65 -35.38
C VAL B 380 29.24 -26.53 -34.04
N ILE B 381 30.33 -25.75 -33.98
CA ILE B 381 31.15 -25.62 -32.78
C ILE B 381 30.97 -24.21 -32.25
N TYR B 382 30.32 -24.07 -31.06
CA TYR B 382 30.04 -22.77 -30.48
C TYR B 382 31.28 -22.20 -29.77
N PRO B 383 31.41 -20.88 -29.70
CA PRO B 383 32.66 -20.34 -29.18
C PRO B 383 33.02 -20.68 -27.79
N ASP B 384 32.17 -21.37 -27.07
CA ASP B 384 32.47 -21.78 -25.74
C ASP B 384 32.86 -23.21 -25.67
N ASP B 385 32.99 -23.84 -26.79
CA ASP B 385 33.35 -25.23 -26.82
C ASP B 385 34.76 -25.49 -26.32
N THR B 386 34.90 -26.48 -25.47
CA THR B 386 36.17 -26.89 -24.90
C THR B 386 36.14 -28.38 -24.74
N PRO B 387 37.30 -29.00 -24.60
CA PRO B 387 37.29 -30.45 -24.43
C PRO B 387 36.60 -30.93 -23.19
N ALA B 388 36.65 -30.21 -22.12
CA ALA B 388 36.00 -30.64 -20.93
C ALA B 388 34.51 -30.41 -20.95
N SER B 389 34.06 -29.44 -21.72
CA SER B 389 32.63 -29.12 -21.84
C SER B 389 32.38 -28.78 -23.31
N ARG B 390 31.97 -29.80 -24.07
CA ARG B 390 31.70 -29.61 -25.50
C ARG B 390 30.36 -28.91 -25.70
N SER B 391 30.36 -27.88 -26.51
CA SER B 391 29.15 -27.14 -26.84
C SER B 391 29.03 -27.18 -28.37
N ARG B 392 28.22 -28.13 -28.85
CA ARG B 392 28.16 -28.40 -30.28
C ARG B 392 26.73 -28.74 -30.68
N ASP B 393 26.47 -28.60 -31.99
CA ASP B 393 25.27 -29.03 -32.65
C ASP B 393 25.68 -29.84 -33.88
N THR B 394 24.71 -30.54 -34.46
CA THR B 394 24.91 -31.36 -35.65
C THR B 394 23.82 -31.03 -36.66
N ILE B 395 24.21 -30.65 -37.85
CA ILE B 395 23.30 -30.56 -38.98
C ILE B 395 23.51 -31.81 -39.83
N THR B 396 22.47 -32.63 -39.96
CA THR B 396 22.61 -33.90 -40.63
C THR B 396 22.69 -33.70 -42.14
N ALA B 397 23.24 -34.70 -42.83
CA ALA B 397 23.56 -34.61 -44.24
C ALA B 397 22.32 -34.42 -45.10
N ASP B 398 21.17 -34.93 -44.66
CA ASP B 398 19.94 -34.76 -45.43
C ASP B 398 19.55 -33.30 -45.54
N ARG B 399 20.20 -32.41 -44.78
N ARG B 399 20.21 -32.41 -44.81
CA ARG B 399 19.92 -31.00 -44.81
CA ARG B 399 19.90 -30.99 -44.88
C ARG B 399 21.00 -30.18 -45.51
C ARG B 399 20.99 -30.18 -45.57
N THR B 400 22.11 -30.78 -45.92
CA THR B 400 23.20 -30.06 -46.59
C THR B 400 23.53 -30.58 -47.98
N VAL B 401 23.34 -31.88 -48.23
CA VAL B 401 23.96 -32.59 -49.34
C VAL B 401 22.88 -33.06 -50.31
N GLN B 402 23.23 -33.10 -51.58
CA GLN B 402 22.38 -33.64 -52.62
C GLN B 402 23.19 -34.45 -53.62
N ASP B 403 22.97 -35.74 -53.64
CA ASP B 403 23.62 -36.68 -54.51
C ASP B 403 23.51 -36.25 -55.96
N LEU B 404 24.60 -36.25 -56.67
CA LEU B 404 24.60 -35.91 -58.10
C LEU B 404 24.75 -37.11 -59.01
N ARG B 405 24.91 -38.31 -58.46
CA ARG B 405 25.06 -39.49 -59.30
C ARG B 405 23.74 -39.76 -60.04
N PRO B 406 23.81 -40.09 -61.34
CA PRO B 406 22.58 -40.26 -62.10
C PRO B 406 21.78 -41.48 -61.66
N ARG B 407 20.48 -41.38 -61.82
CA ARG B 407 19.60 -42.49 -61.49
C ARG B 407 19.64 -43.56 -62.58
N ASN B 408 19.58 -44.80 -62.14
CA ASN B 408 19.67 -46.02 -62.94
C ASN B 408 18.47 -46.21 -63.83
N SER B 409 18.64 -46.41 -65.11
CA SER B 409 17.52 -46.67 -66.03
C SER B 409 16.35 -45.73 -65.92
#